data_6FNQ
#
_entry.id   6FNQ
#
_cell.length_a   71.040
_cell.length_b   79.377
_cell.length_c   136.045
_cell.angle_alpha   90.000
_cell.angle_beta   90.000
_cell.angle_gamma   90.000
#
_symmetry.space_group_name_H-M   'P 21 21 21'
#
loop_
_entity.id
_entity.type
_entity.pdbx_description
1 polymer 'Histidine N-alpha-methyltransferase'
2 non-polymer N,N,N-trimethyl-histidine
3 non-polymer 'MAGNESIUM ION'
4 non-polymer GLYCEROL
5 water water
#
_entity_poly.entity_id   1
_entity_poly.type   'polypeptide(L)'
_entity_poly.pdbx_seq_one_letter_code
;GHMALSLANYLAADSAAEALRRDVRAGLTATQKSLPPKWFYDAVGSDLFDQITRLPEYYPTRTEAQILRTRSAEIISAAG
ADTLVELGSGTSEKTRMLLDAMRDAELLRRFIPFDVDAGVLRSAGAAIGAEYPGIEIDAVCGDFEEHLGKIPHVGRRLVV
FLGSTIGNLTPAPRAEFLSTLADTLQPGDSLLLGTDLVKDTGRLVRAYDDAAGVTAAFNRNVLAVVNRELSADFDLDAFE
HVAKWNSDEERIEMWLRARTAQHVRVAALDLEVDFAAGEEMLTEVSCKFRPENVVAELAEAGLRQTHWWTDPAGDFGLSL
AVR
;
_entity_poly.pdbx_strand_id   A,B
#
loop_
_chem_comp.id
_chem_comp.type
_chem_comp.name
_chem_comp.formula
AVJ non-polymer N,N,N-trimethyl-histidine 'C9 H16 N3 O2 1'
GOL non-polymer GLYCEROL 'C3 H8 O3'
MG non-polymer 'MAGNESIUM ION' 'Mg 2'
#
# COMPACT_ATOMS: atom_id res chain seq x y z
N HIS A 2 18.05 -0.46 17.95
CA HIS A 2 19.12 -1.39 17.46
C HIS A 2 19.83 -0.75 16.27
N MET A 3 20.91 -0.01 16.56
CA MET A 3 21.64 0.71 15.54
C MET A 3 22.85 -0.05 15.01
N ALA A 4 23.12 -1.25 15.53
CA ALA A 4 24.30 -1.99 15.12
C ALA A 4 24.20 -2.31 13.64
N LEU A 5 25.25 -1.94 12.90
CA LEU A 5 25.18 -2.11 11.45
C LEU A 5 26.53 -1.84 10.83
N SER A 6 26.80 -2.54 9.74
CA SER A 6 27.82 -2.19 8.79
CA SER A 6 27.83 -2.19 8.78
C SER A 6 27.14 -1.97 7.44
N LEU A 7 27.49 -0.90 6.76
CA LEU A 7 26.85 -0.56 5.49
C LEU A 7 27.92 -0.01 4.55
N ALA A 8 28.07 -0.63 3.38
CA ALA A 8 28.90 -0.11 2.30
C ALA A 8 27.97 0.35 1.20
N ASN A 9 28.20 1.55 0.69
CA ASN A 9 27.30 2.15 -0.28
C ASN A 9 28.10 2.50 -1.53
N TYR A 10 27.89 1.74 -2.59
CA TYR A 10 28.56 1.96 -3.87
C TYR A 10 27.70 2.72 -4.87
N LEU A 11 26.52 3.16 -4.49
CA LEU A 11 25.60 3.90 -5.37
C LEU A 11 25.56 5.37 -4.97
N ALA A 12 25.72 6.24 -5.96
CA ALA A 12 25.68 7.68 -5.76
C ALA A 12 24.42 8.25 -6.40
N ALA A 13 23.87 9.28 -5.75
CA ALA A 13 22.68 9.94 -6.27
C ALA A 13 22.92 10.50 -7.66
N ASP A 14 24.07 11.16 -7.89
CA ASP A 14 24.30 11.75 -9.21
C ASP A 14 24.46 10.66 -10.27
N SER A 15 25.01 9.51 -9.89
CA SER A 15 25.17 8.42 -10.83
C SER A 15 23.82 7.81 -11.20
N ALA A 16 22.93 7.67 -10.22
CA ALA A 16 21.59 7.17 -10.50
C ALA A 16 20.82 8.15 -11.40
N ALA A 17 20.93 9.46 -11.14
CA ALA A 17 20.26 10.44 -12.00
C ALA A 17 20.76 10.35 -13.42
N GLU A 18 22.07 10.16 -13.61
CA GLU A 18 22.60 10.04 -14.96
C GLU A 18 22.11 8.75 -15.64
N ALA A 19 22.01 7.65 -14.89
CA ALA A 19 21.50 6.41 -15.47
C ALA A 19 20.05 6.57 -15.92
N LEU A 20 19.24 7.27 -15.13
CA LEU A 20 17.86 7.52 -15.57
C LEU A 20 17.83 8.35 -16.85
N ARG A 21 18.66 9.39 -16.93
N ARG A 21 18.65 9.41 -16.91
CA ARG A 21 18.71 10.21 -18.14
CA ARG A 21 18.75 10.22 -18.13
C ARG A 21 19.07 9.34 -19.35
C ARG A 21 19.07 9.35 -19.34
N ARG A 22 20.11 8.52 -19.21
CA ARG A 22 20.55 7.71 -20.34
C ARG A 22 19.47 6.72 -20.74
N ASP A 23 18.87 6.05 -19.75
CA ASP A 23 17.86 5.03 -20.02
C ASP A 23 16.63 5.61 -20.71
N VAL A 24 16.17 6.78 -20.24
CA VAL A 24 14.95 7.36 -20.81
C VAL A 24 15.22 7.87 -22.22
N ARG A 25 16.37 8.48 -22.43
CA ARG A 25 16.69 8.98 -23.78
C ARG A 25 16.72 7.82 -24.76
N ALA A 26 17.39 6.73 -24.36
CA ALA A 26 17.54 5.59 -25.26
C ALA A 26 16.19 4.92 -25.51
N GLY A 27 15.40 4.76 -24.46
CA GLY A 27 14.16 4.03 -24.59
C GLY A 27 13.10 4.79 -25.34
N LEU A 28 13.05 6.11 -25.19
CA LEU A 28 11.99 6.86 -25.84
C LEU A 28 12.32 7.23 -27.28
N THR A 29 13.58 7.09 -27.70
CA THR A 29 13.95 7.37 -29.08
C THR A 29 14.14 6.10 -29.90
N ALA A 30 14.02 4.93 -29.29
CA ALA A 30 14.13 3.66 -29.99
C ALA A 30 12.93 3.45 -30.91
N THR A 31 13.15 2.70 -32.00
CA THR A 31 12.08 2.47 -32.96
CA THR A 31 12.08 2.47 -32.97
C THR A 31 10.87 1.82 -32.29
N GLN A 32 11.10 0.88 -31.40
CA GLN A 32 10.06 0.40 -30.49
C GLN A 32 10.41 0.95 -29.11
N LYS A 33 9.59 1.86 -28.59
CA LYS A 33 9.88 2.49 -27.32
C LYS A 33 9.83 1.53 -26.16
N SER A 34 10.67 1.79 -25.15
CA SER A 34 10.68 0.99 -23.93
C SER A 34 11.22 1.82 -22.78
N LEU A 35 10.99 1.33 -21.56
CA LEU A 35 11.63 1.90 -20.38
C LEU A 35 12.03 0.74 -19.47
N PRO A 36 13.18 0.83 -18.79
CA PRO A 36 13.62 -0.28 -17.93
C PRO A 36 12.80 -0.36 -16.66
N PRO A 37 12.47 -1.57 -16.21
CA PRO A 37 11.59 -1.69 -15.05
C PRO A 37 12.24 -1.31 -13.74
N LYS A 38 13.58 -1.21 -13.68
CA LYS A 38 14.20 -0.80 -12.42
C LYS A 38 13.62 0.52 -11.93
N TRP A 39 13.16 1.38 -12.84
CA TRP A 39 12.65 2.69 -12.45
C TRP A 39 11.23 2.67 -11.92
N PHE A 40 10.58 1.49 -11.90
CA PHE A 40 9.29 1.36 -11.24
C PHE A 40 9.40 1.64 -9.75
N TYR A 41 10.58 1.41 -9.15
CA TYR A 41 10.67 1.21 -7.70
C TYR A 41 11.16 2.45 -6.98
N ASP A 42 10.51 3.60 -7.25
CA ASP A 42 10.58 4.72 -6.34
C ASP A 42 9.72 4.41 -5.11
N ALA A 43 9.60 5.37 -4.20
CA ALA A 43 8.87 5.10 -2.97
C ALA A 43 7.44 4.66 -3.28
N VAL A 44 6.76 5.41 -4.16
CA VAL A 44 5.39 5.07 -4.53
C VAL A 44 5.31 3.70 -5.18
N GLY A 45 6.20 3.44 -6.16
CA GLY A 45 6.11 2.20 -6.89
C GLY A 45 6.46 1.00 -6.04
N SER A 46 7.40 1.17 -5.09
CA SER A 46 7.70 0.06 -4.19
CA SER A 46 7.71 0.08 -4.17
C SER A 46 6.49 -0.29 -3.33
N ASP A 47 5.73 0.70 -2.91
CA ASP A 47 4.54 0.43 -2.09
CA ASP A 47 4.53 0.45 -2.10
C ASP A 47 3.45 -0.22 -2.93
N LEU A 48 3.32 0.17 -4.20
CA LEU A 48 2.36 -0.49 -5.08
C LEU A 48 2.76 -1.94 -5.31
N PHE A 49 4.06 -2.20 -5.51
CA PHE A 49 4.50 -3.58 -5.68
C PHE A 49 4.21 -4.41 -4.42
N ASP A 50 4.45 -3.84 -3.23
CA ASP A 50 4.09 -4.55 -2.01
C ASP A 50 2.63 -4.95 -2.05
N GLN A 51 1.77 -4.05 -2.52
CA GLN A 51 0.34 -4.35 -2.61
CA GLN A 51 0.35 -4.36 -2.60
C GLN A 51 0.07 -5.46 -3.62
N ILE A 52 0.80 -5.45 -4.75
CA ILE A 52 0.66 -6.48 -5.77
C ILE A 52 0.89 -7.85 -5.18
N THR A 53 1.85 -7.97 -4.26
CA THR A 53 2.17 -9.29 -3.72
C THR A 53 1.00 -9.91 -2.95
N ARG A 54 0.01 -9.11 -2.56
CA ARG A 54 -1.17 -9.60 -1.85
C ARG A 54 -2.41 -9.70 -2.72
N LEU A 55 -2.32 -9.40 -4.02
CA LEU A 55 -3.48 -9.50 -4.90
C LEU A 55 -3.86 -10.97 -5.12
N PRO A 56 -5.15 -11.27 -5.24
CA PRO A 56 -5.56 -12.66 -5.49
C PRO A 56 -4.96 -13.25 -6.76
N GLU A 57 -4.84 -12.44 -7.82
CA GLU A 57 -4.34 -12.93 -9.10
C GLU A 57 -2.83 -13.15 -9.09
N TYR A 58 -2.08 -12.44 -8.24
CA TYR A 58 -0.61 -12.50 -8.27
C TYR A 58 -0.14 -13.62 -7.35
N TYR A 59 -0.12 -14.84 -7.92
CA TYR A 59 0.23 -16.03 -7.17
C TYR A 59 1.71 -16.15 -6.78
N PRO A 60 2.67 -15.49 -7.45
CA PRO A 60 4.08 -15.85 -7.15
C PRO A 60 4.51 -15.68 -5.70
N THR A 61 4.22 -14.55 -5.06
CA THR A 61 4.76 -14.34 -3.72
C THR A 61 4.26 -15.40 -2.74
N ARG A 62 2.95 -15.60 -2.69
CA ARG A 62 2.42 -16.56 -1.72
C ARG A 62 2.83 -17.99 -2.07
N THR A 63 3.01 -18.31 -3.35
CA THR A 63 3.45 -19.65 -3.75
C THR A 63 4.88 -19.92 -3.29
N GLU A 64 5.79 -18.96 -3.57
CA GLU A 64 7.16 -19.10 -3.11
C GLU A 64 7.22 -19.15 -1.59
N ALA A 65 6.42 -18.30 -0.91
CA ALA A 65 6.43 -18.29 0.55
C ALA A 65 5.99 -19.64 1.11
N GLN A 66 5.03 -20.27 0.47
CA GLN A 66 4.54 -21.57 0.96
C GLN A 66 5.58 -22.66 0.76
N ILE A 67 6.36 -22.59 -0.34
CA ILE A 67 7.47 -23.53 -0.50
C ILE A 67 8.49 -23.32 0.64
N LEU A 68 8.87 -22.07 0.89
CA LEU A 68 9.82 -21.82 1.96
C LEU A 68 9.25 -22.16 3.32
N ARG A 69 7.96 -21.93 3.53
CA ARG A 69 7.35 -22.23 4.82
C ARG A 69 7.48 -23.71 5.14
N THR A 70 7.32 -24.57 4.12
CA THR A 70 7.34 -26.01 4.36
C THR A 70 8.70 -26.67 4.17
N ARG A 71 9.66 -26.00 3.52
CA ARG A 71 10.93 -26.63 3.18
C ARG A 71 12.17 -25.87 3.66
N SER A 72 12.02 -24.79 4.44
CA SER A 72 13.18 -24.01 4.86
CA SER A 72 13.19 -24.02 4.83
C SER A 72 14.20 -24.85 5.62
N ALA A 73 13.73 -25.76 6.47
CA ALA A 73 14.67 -26.57 7.25
C ALA A 73 15.52 -27.43 6.32
N GLU A 74 14.91 -27.99 5.26
CA GLU A 74 15.66 -28.81 4.32
C GLU A 74 16.66 -27.96 3.53
N ILE A 75 16.23 -26.79 3.08
CA ILE A 75 17.09 -25.86 2.35
C ILE A 75 18.30 -25.51 3.19
N ILE A 76 18.06 -25.14 4.45
CA ILE A 76 19.16 -24.74 5.32
C ILE A 76 20.08 -25.91 5.61
N SER A 77 19.53 -27.10 5.83
CA SER A 77 20.36 -28.26 6.06
C SER A 77 21.21 -28.57 4.84
N ALA A 78 20.64 -28.43 3.65
CA ALA A 78 21.40 -28.74 2.43
C ALA A 78 22.52 -27.72 2.24
N ALA A 79 22.24 -26.48 2.56
CA ALA A 79 23.22 -25.41 2.32
C ALA A 79 24.34 -25.47 3.35
N GLY A 80 24.00 -25.74 4.61
CA GLY A 80 25.01 -25.78 5.66
C GLY A 80 25.70 -24.46 5.86
N ALA A 81 25.08 -23.37 5.42
CA ALA A 81 25.68 -22.04 5.47
C ALA A 81 25.45 -21.39 6.82
N ASP A 82 26.38 -20.52 7.24
CA ASP A 82 26.18 -19.68 8.42
C ASP A 82 25.90 -18.22 8.06
N THR A 83 25.95 -17.86 6.79
CA THR A 83 25.77 -16.50 6.33
C THR A 83 24.71 -16.49 5.23
N LEU A 84 23.67 -15.70 5.40
CA LEU A 84 22.61 -15.53 4.40
C LEU A 84 22.87 -14.21 3.68
N VAL A 85 23.09 -14.30 2.37
CA VAL A 85 23.18 -13.14 1.49
C VAL A 85 21.86 -13.05 0.74
N GLU A 86 21.20 -11.89 0.80
CA GLU A 86 19.96 -11.69 0.06
C GLU A 86 20.17 -10.63 -1.01
N LEU A 87 19.91 -10.99 -2.27
CA LEU A 87 19.80 -10.01 -3.35
C LEU A 87 18.37 -9.45 -3.22
N GLY A 88 18.25 -8.44 -2.38
CA GLY A 88 16.99 -7.95 -1.85
C GLY A 88 17.24 -7.25 -0.55
N SER A 89 16.19 -6.66 0.01
CA SER A 89 16.39 -5.73 1.12
C SER A 89 16.17 -6.36 2.48
N GLY A 90 15.72 -7.61 2.55
CA GLY A 90 15.54 -8.24 3.85
C GLY A 90 14.29 -7.81 4.57
N THR A 91 13.29 -7.32 3.85
CA THR A 91 12.05 -6.84 4.46
C THR A 91 10.93 -7.88 4.48
N SER A 92 11.10 -9.03 3.85
CA SER A 92 9.99 -9.95 3.66
C SER A 92 9.92 -11.02 4.76
N GLU A 93 8.77 -11.68 4.83
CA GLU A 93 8.63 -12.84 5.69
C GLU A 93 9.49 -14.00 5.19
N LYS A 94 9.71 -14.09 3.86
CA LYS A 94 10.59 -15.13 3.33
C LYS A 94 11.98 -15.05 3.94
N THR A 95 12.52 -13.84 4.09
CA THR A 95 13.81 -13.70 4.74
C THR A 95 13.80 -14.32 6.13
N ARG A 96 12.76 -14.06 6.90
CA ARG A 96 12.68 -14.57 8.27
C ARG A 96 12.50 -16.07 8.32
N MET A 97 11.82 -16.65 7.33
CA MET A 97 11.73 -18.10 7.27
C MET A 97 13.12 -18.72 7.18
N LEU A 98 13.96 -18.17 6.30
CA LEU A 98 15.30 -18.71 6.14
C LEU A 98 16.16 -18.44 7.36
N LEU A 99 16.12 -17.22 7.91
CA LEU A 99 16.93 -16.92 9.08
C LEU A 99 16.48 -17.75 10.27
N ASP A 100 15.15 -17.90 10.45
CA ASP A 100 14.63 -18.76 11.51
C ASP A 100 15.21 -20.17 11.42
N ALA A 101 15.20 -20.74 10.21
CA ALA A 101 15.71 -22.10 10.06
C ALA A 101 17.21 -22.16 10.35
N MET A 102 17.96 -21.13 9.94
CA MET A 102 19.39 -21.08 10.24
C MET A 102 19.62 -20.97 11.73
N ARG A 103 18.79 -20.19 12.43
CA ARG A 103 18.88 -20.14 13.88
C ARG A 103 18.51 -21.47 14.51
N ASP A 104 17.41 -22.09 14.05
CA ASP A 104 17.00 -23.36 14.62
C ASP A 104 18.11 -24.40 14.50
N ALA A 105 18.86 -24.34 13.41
CA ALA A 105 19.94 -25.29 13.17
C ALA A 105 21.23 -24.91 13.87
N GLU A 106 21.23 -23.81 14.62
CA GLU A 106 22.44 -23.30 15.30
C GLU A 106 23.56 -23.01 14.32
N LEU A 107 23.19 -22.54 13.13
CA LEU A 107 24.14 -22.17 12.09
C LEU A 107 24.33 -20.66 11.95
N LEU A 108 23.29 -19.88 12.26
CA LEU A 108 23.21 -18.49 11.87
C LEU A 108 24.27 -17.63 12.54
N ARG A 109 25.03 -16.90 11.73
CA ARG A 109 25.99 -15.93 12.26
C ARG A 109 25.80 -14.54 11.67
N ARG A 110 25.30 -14.45 10.42
CA ARG A 110 25.51 -13.26 9.62
C ARG A 110 24.46 -13.13 8.53
N PHE A 111 24.00 -11.89 8.30
CA PHE A 111 23.04 -11.53 7.27
C PHE A 111 23.63 -10.42 6.41
N ILE A 112 23.60 -10.61 5.09
CA ILE A 112 24.13 -9.63 4.16
C ILE A 112 23.05 -9.25 3.15
N PRO A 113 22.25 -8.21 3.44
CA PRO A 113 21.30 -7.71 2.44
C PRO A 113 22.01 -6.84 1.41
N PHE A 114 21.63 -7.04 0.14
CA PHE A 114 22.25 -6.36 -1.00
C PHE A 114 21.12 -5.76 -1.83
N ASP A 115 21.02 -4.43 -1.88
CA ASP A 115 19.96 -3.81 -2.69
C ASP A 115 20.32 -2.36 -2.97
N VAL A 116 19.41 -1.65 -3.62
CA VAL A 116 19.76 -0.33 -4.16
C VAL A 116 19.37 0.85 -3.28
N ASP A 117 18.65 0.63 -2.19
CA ASP A 117 18.16 1.74 -1.37
C ASP A 117 18.74 1.64 0.04
N ALA A 118 19.65 2.55 0.37
CA ALA A 118 20.36 2.47 1.64
C ALA A 118 19.45 2.69 2.84
N GLY A 119 18.44 3.56 2.70
CA GLY A 119 17.54 3.79 3.81
C GLY A 119 16.74 2.56 4.17
N VAL A 120 16.33 1.80 3.16
CA VAL A 120 15.60 0.56 3.40
C VAL A 120 16.51 -0.49 4.02
N LEU A 121 17.76 -0.57 3.54
CA LEU A 121 18.72 -1.48 4.16
C LEU A 121 18.90 -1.17 5.64
N ARG A 122 19.00 0.12 5.99
CA ARG A 122 19.15 0.50 7.39
C ARG A 122 17.94 0.05 8.21
N SER A 123 16.74 0.26 7.69
CA SER A 123 15.53 -0.12 8.42
C SER A 123 15.47 -1.63 8.61
N ALA A 124 15.70 -2.38 7.53
CA ALA A 124 15.69 -3.83 7.61
C ALA A 124 16.75 -4.32 8.56
N GLY A 125 17.94 -3.73 8.50
CA GLY A 125 19.00 -4.14 9.41
C GLY A 125 18.62 -3.96 10.85
N ALA A 126 17.96 -2.86 11.18
CA ALA A 126 17.55 -2.66 12.56
C ALA A 126 16.51 -3.67 12.98
N ALA A 127 15.60 -4.03 12.09
CA ALA A 127 14.55 -4.99 12.43
C ALA A 127 15.14 -6.38 12.61
N ILE A 128 15.97 -6.82 11.66
CA ILE A 128 16.64 -8.11 11.76
C ILE A 128 17.53 -8.17 12.99
N GLY A 129 18.26 -7.10 13.27
CA GLY A 129 19.10 -7.10 14.47
C GLY A 129 18.31 -7.30 15.74
N ALA A 130 17.13 -6.70 15.81
CA ALA A 130 16.31 -6.83 17.01
C ALA A 130 15.74 -8.24 17.13
N GLU A 131 15.46 -8.90 16.01
CA GLU A 131 14.86 -10.23 16.07
C GLU A 131 15.88 -11.34 16.25
N TYR A 132 17.13 -11.12 15.81
CA TYR A 132 18.18 -12.14 15.90
C TYR A 132 19.37 -11.54 16.65
N PRO A 133 19.22 -11.29 17.95
CA PRO A 133 20.31 -10.70 18.71
C PRO A 133 21.62 -11.46 18.53
N GLY A 134 22.70 -10.73 18.37
CA GLY A 134 24.00 -11.33 18.18
C GLY A 134 24.36 -11.54 16.73
N ILE A 135 23.40 -11.42 15.81
CA ILE A 135 23.69 -11.57 14.39
C ILE A 135 24.53 -10.41 13.90
N GLU A 136 25.49 -10.68 13.03
CA GLU A 136 26.27 -9.64 12.34
C GLU A 136 25.52 -9.26 11.07
N ILE A 137 25.27 -7.96 10.89
CA ILE A 137 24.60 -7.48 9.68
C ILE A 137 25.58 -6.60 8.89
N ASP A 138 25.90 -7.03 7.68
CA ASP A 138 26.78 -6.29 6.77
C ASP A 138 25.96 -5.96 5.54
N ALA A 139 25.40 -4.76 5.48
CA ALA A 139 24.56 -4.39 4.35
C ALA A 139 25.40 -3.82 3.22
N VAL A 140 24.96 -4.06 2.00
CA VAL A 140 25.62 -3.56 0.80
C VAL A 140 24.60 -2.84 -0.07
N CYS A 141 24.83 -1.57 -0.34
CA CYS A 141 24.02 -0.81 -1.30
C CYS A 141 24.73 -0.85 -2.64
N GLY A 142 24.17 -1.59 -3.60
CA GLY A 142 24.82 -1.71 -4.88
C GLY A 142 23.88 -2.33 -5.90
N ASP A 143 24.37 -2.34 -7.14
CA ASP A 143 23.61 -2.81 -8.31
C ASP A 143 24.01 -4.24 -8.62
N PHE A 144 23.04 -5.18 -8.61
CA PHE A 144 23.35 -6.61 -8.64
C PHE A 144 23.84 -7.07 -10.02
N GLU A 145 23.99 -6.14 -10.95
CA GLU A 145 24.65 -6.39 -12.22
C GLU A 145 26.01 -5.70 -12.31
N GLU A 146 26.55 -5.24 -11.18
CA GLU A 146 27.81 -4.49 -11.22
C GLU A 146 28.67 -4.62 -9.96
N HIS A 147 28.03 -4.72 -8.81
CA HIS A 147 28.76 -4.72 -7.55
C HIS A 147 28.72 -6.07 -6.86
N LEU A 148 28.51 -7.18 -7.60
CA LEU A 148 28.45 -8.46 -6.94
C LEU A 148 29.78 -8.78 -6.27
N GLY A 149 30.87 -8.30 -6.84
CA GLY A 149 32.17 -8.51 -6.25
C GLY A 149 32.37 -7.81 -4.92
N LYS A 150 31.49 -6.89 -4.58
CA LYS A 150 31.56 -6.17 -3.30
C LYS A 150 30.84 -6.90 -2.18
N ILE A 151 30.11 -7.96 -2.47
CA ILE A 151 29.56 -8.79 -1.38
C ILE A 151 30.70 -9.47 -0.61
N PRO A 152 30.75 -9.34 0.73
CA PRO A 152 31.84 -9.99 1.48
C PRO A 152 31.84 -11.50 1.32
N HIS A 153 33.04 -12.07 1.33
CA HIS A 153 33.21 -13.51 1.17
C HIS A 153 33.28 -14.27 2.50
N VAL A 154 33.11 -13.59 3.63
CA VAL A 154 33.26 -14.23 4.92
C VAL A 154 32.20 -15.32 5.12
N GLY A 155 32.62 -16.43 5.70
CA GLY A 155 31.71 -17.49 6.08
C GLY A 155 31.39 -18.45 4.95
N ARG A 156 30.47 -19.35 5.24
CA ARG A 156 29.88 -20.22 4.22
C ARG A 156 28.54 -19.63 3.83
N ARG A 157 28.41 -19.19 2.57
CA ARG A 157 27.34 -18.28 2.20
C ARG A 157 26.24 -18.97 1.39
N LEU A 158 25.01 -18.74 1.82
CA LEU A 158 23.81 -19.06 1.05
C LEU A 158 23.31 -17.76 0.44
N VAL A 159 23.42 -17.65 -0.89
CA VAL A 159 23.01 -16.46 -1.62
C VAL A 159 21.62 -16.72 -2.16
N VAL A 160 20.68 -15.84 -1.86
CA VAL A 160 19.29 -16.06 -2.28
CA VAL A 160 19.26 -16.00 -2.18
C VAL A 160 18.85 -14.94 -3.20
N PHE A 161 18.13 -15.34 -4.28
CA PHE A 161 17.60 -14.40 -5.26
C PHE A 161 16.17 -14.90 -5.53
N LEU A 162 15.21 -14.35 -4.77
CA LEU A 162 13.86 -14.88 -4.78
C LEU A 162 12.94 -14.06 -5.69
N GLY A 163 11.70 -14.55 -5.82
CA GLY A 163 10.65 -13.78 -6.45
C GLY A 163 10.56 -13.85 -7.95
N SER A 164 11.47 -14.59 -8.58
CA SER A 164 11.58 -14.63 -10.02
C SER A 164 11.99 -13.27 -10.61
N THR A 165 12.67 -12.45 -9.81
CA THR A 165 13.28 -11.23 -10.35
C THR A 165 14.30 -11.55 -11.42
N ILE A 166 14.87 -12.75 -11.40
CA ILE A 166 15.80 -13.12 -12.47
C ILE A 166 15.07 -13.09 -13.81
N GLY A 167 13.75 -13.29 -13.83
CA GLY A 167 12.98 -13.24 -15.08
C GLY A 167 12.91 -11.88 -15.75
N ASN A 168 13.35 -10.83 -15.05
CA ASN A 168 13.40 -9.51 -15.68
C ASN A 168 14.58 -9.39 -16.64
N LEU A 169 15.56 -10.29 -16.54
CA LEU A 169 16.69 -10.33 -17.46
C LEU A 169 16.36 -11.23 -18.64
N THR A 170 16.53 -10.71 -19.86
CA THR A 170 16.37 -11.54 -21.04
C THR A 170 17.59 -12.48 -21.13
N PRO A 171 17.55 -13.47 -22.03
CA PRO A 171 18.53 -14.57 -21.94
C PRO A 171 20.00 -14.15 -21.93
N ALA A 172 20.43 -13.21 -22.77
CA ALA A 172 21.86 -12.89 -22.79
C ALA A 172 22.30 -12.24 -21.48
N PRO A 173 21.65 -11.17 -20.99
CA PRO A 173 22.07 -10.61 -19.70
C PRO A 173 21.83 -11.56 -18.53
N ARG A 174 20.81 -12.42 -18.63
CA ARG A 174 20.58 -13.40 -17.59
C ARG A 174 21.74 -14.38 -17.49
N ALA A 175 22.25 -14.85 -18.64
CA ALA A 175 23.39 -15.76 -18.61
C ALA A 175 24.63 -15.08 -18.05
N GLU A 176 24.81 -13.81 -18.39
CA GLU A 176 25.97 -13.08 -17.90
C GLU A 176 25.87 -12.87 -16.41
N PHE A 177 24.66 -12.57 -15.92
CA PHE A 177 24.48 -12.40 -14.49
C PHE A 177 24.78 -13.67 -13.73
N LEU A 178 24.21 -14.82 -14.17
CA LEU A 178 24.42 -16.05 -13.43
C LEU A 178 25.87 -16.48 -13.50
N SER A 179 26.54 -16.29 -14.65
CA SER A 179 27.95 -16.62 -14.76
CA SER A 179 27.95 -16.62 -14.76
C SER A 179 28.80 -15.76 -13.83
N THR A 180 28.49 -14.48 -13.75
CA THR A 180 29.22 -13.58 -12.86
C THR A 180 28.99 -13.96 -11.40
N LEU A 181 27.73 -14.18 -11.03
CA LEU A 181 27.41 -14.58 -9.66
C LEU A 181 28.15 -15.84 -9.28
N ALA A 182 28.15 -16.84 -10.17
CA ALA A 182 28.85 -18.08 -9.91
C ALA A 182 30.36 -17.86 -9.74
N ASP A 183 30.89 -16.81 -10.35
CA ASP A 183 32.32 -16.54 -10.20
C ASP A 183 32.63 -15.72 -8.93
N THR A 184 31.61 -15.27 -8.20
CA THR A 184 31.85 -14.69 -6.88
C THR A 184 31.67 -15.72 -5.76
N LEU A 185 31.18 -16.91 -6.07
CA LEU A 185 30.98 -17.96 -5.08
C LEU A 185 32.26 -18.78 -4.91
N GLN A 186 32.47 -19.24 -3.69
CA GLN A 186 33.51 -20.18 -3.33
C GLN A 186 32.95 -21.59 -3.22
N PRO A 187 33.81 -22.59 -3.34
CA PRO A 187 33.40 -23.95 -2.95
C PRO A 187 32.74 -23.91 -1.58
N GLY A 188 31.60 -24.57 -1.48
CA GLY A 188 30.84 -24.57 -0.26
C GLY A 188 29.71 -23.58 -0.21
N ASP A 189 29.77 -22.52 -1.04
CA ASP A 189 28.68 -21.56 -1.14
C ASP A 189 27.54 -22.17 -1.97
N SER A 190 26.36 -21.59 -1.83
CA SER A 190 25.15 -22.08 -2.47
C SER A 190 24.31 -20.91 -2.97
N LEU A 191 23.61 -21.11 -4.08
CA LEU A 191 22.64 -20.18 -4.62
C LEU A 191 21.25 -20.79 -4.48
N LEU A 192 20.33 -20.03 -3.90
CA LEU A 192 18.92 -20.39 -3.86
C LEU A 192 18.19 -19.44 -4.81
N LEU A 193 17.65 -19.98 -5.89
CA LEU A 193 17.08 -19.16 -6.96
C LEU A 193 15.60 -19.46 -7.13
N GLY A 194 14.78 -18.42 -7.09
CA GLY A 194 13.35 -18.56 -7.37
C GLY A 194 13.03 -18.24 -8.82
N THR A 195 12.26 -19.14 -9.45
CA THR A 195 11.86 -19.00 -10.84
C THR A 195 10.39 -19.31 -10.97
N ASP A 196 9.63 -18.36 -11.51
CA ASP A 196 8.22 -18.62 -11.85
C ASP A 196 8.14 -19.46 -13.13
N LEU A 197 7.19 -20.39 -13.17
CA LEU A 197 7.17 -21.42 -14.20
C LEU A 197 6.05 -21.24 -15.21
N VAL A 198 6.31 -21.74 -16.43
CA VAL A 198 5.28 -21.77 -17.45
C VAL A 198 4.07 -22.54 -16.94
N LYS A 199 2.88 -22.02 -17.24
CA LYS A 199 1.62 -22.51 -16.72
C LYS A 199 0.51 -21.99 -17.63
N ASP A 200 -0.73 -22.23 -17.22
CA ASP A 200 -1.89 -21.71 -17.95
C ASP A 200 -1.72 -20.23 -18.29
N THR A 201 -1.91 -19.89 -19.56
CA THR A 201 -1.56 -18.53 -19.98
C THR A 201 -2.57 -17.51 -19.47
N GLY A 202 -3.83 -17.89 -19.30
CA GLY A 202 -4.78 -16.98 -18.66
C GLY A 202 -4.36 -16.58 -17.25
N ARG A 203 -3.92 -17.56 -16.46
CA ARG A 203 -3.48 -17.27 -15.10
C ARG A 203 -2.26 -16.36 -15.13
N LEU A 204 -1.37 -16.57 -16.08
CA LEU A 204 -0.21 -15.69 -16.20
C LEU A 204 -0.62 -14.27 -16.51
N VAL A 205 -1.45 -14.06 -17.54
CA VAL A 205 -1.81 -12.70 -17.91
C VAL A 205 -2.57 -12.01 -16.77
N ARG A 206 -3.50 -12.71 -16.12
CA ARG A 206 -4.27 -12.07 -15.06
C ARG A 206 -3.39 -11.68 -13.88
N ALA A 207 -2.30 -12.43 -13.62
CA ALA A 207 -1.37 -12.07 -12.56
C ALA A 207 -0.73 -10.71 -12.80
N TYR A 208 -0.72 -10.23 -14.04
CA TYR A 208 -0.14 -8.95 -14.41
C TYR A 208 -1.19 -7.95 -14.93
N ASP A 209 -2.46 -8.20 -14.66
CA ASP A 209 -3.58 -7.39 -15.12
C ASP A 209 -4.73 -7.63 -14.16
N ASP A 210 -4.50 -7.33 -12.89
CA ASP A 210 -5.44 -7.70 -11.85
C ASP A 210 -6.74 -6.90 -11.95
N ALA A 211 -7.81 -7.46 -11.37
CA ALA A 211 -9.13 -6.90 -11.48
C ALA A 211 -9.23 -5.52 -10.86
N ALA A 212 -8.42 -5.25 -9.83
CA ALA A 212 -8.53 -3.99 -9.10
C ALA A 212 -7.76 -2.85 -9.76
N GLY A 213 -6.95 -3.11 -10.77
CA GLY A 213 -6.19 -2.05 -11.39
C GLY A 213 -4.90 -1.68 -10.69
N VAL A 214 -4.43 -2.46 -9.72
CA VAL A 214 -3.22 -2.08 -8.99
C VAL A 214 -2.00 -2.22 -9.88
N THR A 215 -1.90 -3.31 -10.66
CA THR A 215 -0.75 -3.46 -11.56
C THR A 215 -0.73 -2.34 -12.60
N ALA A 216 -1.90 -1.95 -13.11
CA ALA A 216 -1.97 -0.83 -14.05
C ALA A 216 -1.42 0.45 -13.43
N ALA A 217 -1.75 0.73 -12.17
CA ALA A 217 -1.19 1.90 -11.49
C ALA A 217 0.31 1.81 -11.32
N PHE A 218 0.82 0.63 -10.90
CA PHE A 218 2.25 0.37 -10.81
C PHE A 218 2.95 0.65 -12.14
N ASN A 219 2.36 0.19 -13.24
CA ASN A 219 2.97 0.39 -14.55
C ASN A 219 2.96 1.87 -14.96
N ARG A 220 1.80 2.52 -14.87
CA ARG A 220 1.73 3.93 -15.23
C ARG A 220 2.61 4.82 -14.34
N ASN A 221 2.92 4.38 -13.11
CA ASN A 221 3.73 5.21 -12.22
C ASN A 221 5.13 5.46 -12.80
N VAL A 222 5.61 4.62 -13.73
CA VAL A 222 6.93 4.89 -14.30
C VAL A 222 6.88 6.20 -15.08
N LEU A 223 5.70 6.54 -15.63
CA LEU A 223 5.56 7.84 -16.30
C LEU A 223 5.61 8.99 -15.31
N ALA A 224 5.08 8.77 -14.10
CA ALA A 224 5.17 9.78 -13.05
C ALA A 224 6.60 9.98 -12.57
N VAL A 225 7.38 8.90 -12.55
CA VAL A 225 8.80 9.03 -12.21
C VAL A 225 9.49 9.90 -13.24
N VAL A 226 9.32 9.58 -14.52
CA VAL A 226 9.92 10.41 -15.58
C VAL A 226 9.43 11.85 -15.48
N ASN A 227 8.11 12.03 -15.27
CA ASN A 227 7.57 13.37 -15.17
C ASN A 227 8.28 14.17 -14.10
N ARG A 228 8.42 13.59 -12.91
CA ARG A 228 9.01 14.30 -11.78
C ARG A 228 10.50 14.53 -11.96
N GLU A 229 11.23 13.48 -12.31
CA GLU A 229 12.68 13.53 -12.29
C GLU A 229 13.24 14.24 -13.52
N LEU A 230 12.54 14.16 -14.65
CA LEU A 230 13.07 14.74 -15.89
C LEU A 230 12.20 15.84 -16.46
N SER A 231 11.30 16.41 -15.66
CA SER A 231 10.42 17.50 -16.07
C SER A 231 9.70 17.18 -17.38
N ALA A 232 9.03 16.04 -17.39
CA ALA A 232 8.23 15.60 -18.52
C ALA A 232 6.75 15.85 -18.25
N ASP A 233 5.94 15.75 -19.31
CA ASP A 233 4.51 15.99 -19.19
C ASP A 233 3.66 14.85 -19.75
N PHE A 234 4.07 13.60 -19.49
CA PHE A 234 3.19 12.46 -19.74
C PHE A 234 1.83 12.66 -19.06
N ASP A 235 0.77 12.40 -19.81
CA ASP A 235 -0.60 12.38 -19.26
C ASP A 235 -0.92 10.92 -18.93
N LEU A 236 -0.84 10.55 -17.64
CA LEU A 236 -1.01 9.14 -17.29
C LEU A 236 -2.37 8.60 -17.70
N ASP A 237 -3.40 9.43 -17.73
CA ASP A 237 -4.72 8.97 -18.11
C ASP A 237 -4.78 8.56 -19.57
N ALA A 238 -3.83 9.01 -20.37
CA ALA A 238 -3.83 8.74 -21.80
C ALA A 238 -3.18 7.42 -22.16
N PHE A 239 -2.69 6.67 -21.18
CA PHE A 239 -2.00 5.41 -21.45
C PHE A 239 -2.72 4.24 -20.81
N GLU A 240 -3.04 3.26 -21.63
CA GLU A 240 -3.71 2.04 -21.22
C GLU A 240 -2.68 0.99 -20.81
N HIS A 241 -2.99 0.28 -19.72
CA HIS A 241 -2.16 -0.83 -19.28
C HIS A 241 -2.48 -2.07 -20.09
N VAL A 242 -1.45 -2.73 -20.62
CA VAL A 242 -1.62 -3.94 -21.44
C VAL A 242 -0.63 -4.99 -20.94
N ALA A 243 -1.14 -6.15 -20.57
CA ALA A 243 -0.30 -7.30 -20.25
C ALA A 243 -0.44 -8.34 -21.36
N LYS A 244 0.69 -8.89 -21.82
CA LYS A 244 0.71 -9.83 -22.92
C LYS A 244 1.51 -11.08 -22.54
N TRP A 245 1.06 -12.23 -23.01
CA TRP A 245 1.89 -13.44 -23.02
C TRP A 245 2.57 -13.57 -24.38
N ASN A 246 3.88 -13.61 -24.37
CA ASN A 246 4.68 -13.81 -25.57
C ASN A 246 5.05 -15.28 -25.61
N SER A 247 4.37 -16.06 -26.49
CA SER A 247 4.60 -17.49 -26.47
C SER A 247 5.93 -17.86 -27.13
N ASP A 248 6.47 -17.03 -28.01
CA ASP A 248 7.76 -17.36 -28.64
C ASP A 248 8.90 -17.27 -27.65
N GLU A 249 8.89 -16.23 -26.81
CA GLU A 249 9.93 -16.02 -25.81
C GLU A 249 9.53 -16.55 -24.45
N GLU A 250 8.31 -17.08 -24.32
CA GLU A 250 7.72 -17.56 -23.07
C GLU A 250 7.95 -16.57 -21.93
N ARG A 251 7.45 -15.37 -22.14
CA ARG A 251 7.57 -14.33 -21.13
C ARG A 251 6.30 -13.51 -21.08
N ILE A 252 6.00 -13.01 -19.89
CA ILE A 252 4.98 -11.97 -19.73
C ILE A 252 5.62 -10.65 -20.12
N GLU A 253 4.82 -9.76 -20.71
CA GLU A 253 5.26 -8.40 -21.03
C GLU A 253 4.22 -7.42 -20.48
N MET A 254 4.70 -6.31 -19.92
CA MET A 254 3.85 -5.17 -19.59
C MET A 254 4.14 -4.06 -20.60
N TRP A 255 3.08 -3.47 -21.12
CA TRP A 255 3.14 -2.39 -22.08
C TRP A 255 2.25 -1.25 -21.64
N LEU A 256 2.59 -0.04 -22.11
CA LEU A 256 1.69 1.10 -22.04
C LEU A 256 1.30 1.54 -23.44
N ARG A 257 0.01 1.67 -23.68
CA ARG A 257 -0.55 1.94 -25.01
C ARG A 257 -1.22 3.31 -25.02
N ALA A 258 -0.76 4.18 -25.90
CA ALA A 258 -1.38 5.52 -26.01
C ALA A 258 -2.79 5.41 -26.59
N ARG A 259 -3.78 6.01 -25.89
CA ARG A 259 -5.17 5.96 -26.35
C ARG A 259 -5.36 6.81 -27.60
N THR A 260 -4.67 7.94 -27.64
CA THR A 260 -4.72 8.93 -28.72
C THR A 260 -3.29 9.41 -28.90
N ALA A 261 -3.03 10.09 -30.00
CA ALA A 261 -1.69 10.63 -30.21
C ALA A 261 -1.32 11.53 -29.04
N GLN A 262 -0.07 11.38 -28.57
CA GLN A 262 0.46 12.18 -27.48
C GLN A 262 1.77 12.80 -27.89
N HIS A 263 2.02 14.03 -27.44
CA HIS A 263 3.27 14.75 -27.69
C HIS A 263 3.85 15.05 -26.32
N VAL A 264 4.99 14.44 -26.00
CA VAL A 264 5.55 14.43 -24.65
C VAL A 264 6.88 15.17 -24.68
N ARG A 265 6.99 16.23 -23.88
CA ARG A 265 8.25 16.94 -23.73
CA ARG A 265 8.25 16.92 -23.75
C ARG A 265 8.97 16.38 -22.51
N VAL A 266 10.24 16.08 -22.65
CA VAL A 266 11.04 15.61 -21.52
C VAL A 266 12.08 16.72 -21.36
N ALA A 267 11.69 17.76 -20.63
CA ALA A 267 12.44 19.01 -20.70
C ALA A 267 13.87 18.87 -20.23
N ALA A 268 14.12 17.99 -19.25
CA ALA A 268 15.46 17.83 -18.71
C ALA A 268 16.40 17.20 -19.71
N LEU A 269 15.87 16.48 -20.71
CA LEU A 269 16.66 15.89 -21.76
C LEU A 269 16.62 16.72 -23.03
N ASP A 270 15.97 17.88 -23.01
CA ASP A 270 15.82 18.73 -24.21
C ASP A 270 15.27 17.89 -25.35
N LEU A 271 14.23 17.11 -25.03
CA LEU A 271 13.73 16.08 -25.92
C LEU A 271 12.22 16.16 -26.03
N GLU A 272 11.71 16.14 -27.26
CA GLU A 272 10.28 15.92 -27.43
C GLU A 272 10.10 14.62 -28.19
N VAL A 273 9.02 13.90 -27.87
CA VAL A 273 8.82 12.51 -28.27
CA VAL A 273 8.79 12.51 -28.28
C VAL A 273 7.32 12.40 -28.58
N ASP A 274 7.02 11.81 -29.72
CA ASP A 274 5.65 11.63 -30.17
C ASP A 274 5.24 10.17 -30.01
N PHE A 275 4.00 9.97 -29.56
CA PHE A 275 3.33 8.67 -29.56
C PHE A 275 2.14 8.75 -30.51
N ALA A 276 2.06 7.79 -31.41
CA ALA A 276 0.89 7.67 -32.29
C ALA A 276 -0.24 7.06 -31.48
N ALA A 277 -1.48 7.34 -31.90
CA ALA A 277 -2.61 6.63 -31.32
C ALA A 277 -2.38 5.13 -31.46
N GLY A 278 -2.55 4.39 -30.37
CA GLY A 278 -2.34 2.96 -30.38
C GLY A 278 -0.90 2.52 -30.23
N GLU A 279 0.05 3.44 -30.18
CA GLU A 279 1.44 3.04 -30.04
C GLU A 279 1.71 2.48 -28.65
N GLU A 280 2.46 1.38 -28.61
CA GLU A 280 2.77 0.70 -27.36
C GLU A 280 4.24 0.82 -27.00
N MET A 281 4.50 0.96 -25.71
CA MET A 281 5.82 1.08 -25.13
C MET A 281 6.01 -0.04 -24.11
N LEU A 282 7.13 -0.76 -24.24
CA LEU A 282 7.40 -1.92 -23.39
C LEU A 282 8.04 -1.46 -22.09
N THR A 283 7.43 -1.81 -20.95
CA THR A 283 7.96 -1.39 -19.67
C THR A 283 8.52 -2.53 -18.84
N GLU A 284 8.22 -3.78 -19.16
CA GLU A 284 8.74 -4.89 -18.35
C GLU A 284 8.60 -6.20 -19.11
N VAL A 285 9.60 -7.06 -19.00
CA VAL A 285 9.45 -8.47 -19.35
C VAL A 285 9.62 -9.30 -18.09
N SER A 286 8.88 -10.41 -18.03
CA SER A 286 8.95 -11.33 -16.88
C SER A 286 9.00 -12.73 -17.48
N CYS A 287 10.22 -13.23 -17.68
CA CYS A 287 10.41 -14.53 -18.31
C CYS A 287 9.93 -15.64 -17.39
N LYS A 288 9.30 -16.63 -17.97
CA LYS A 288 8.77 -17.78 -17.23
C LYS A 288 9.51 -19.01 -17.69
N PHE A 289 9.74 -19.94 -16.79
CA PHE A 289 10.75 -20.95 -16.99
C PHE A 289 10.15 -22.34 -17.04
N ARG A 290 10.86 -23.25 -17.71
CA ARG A 290 10.57 -24.68 -17.66
C ARG A 290 11.58 -25.37 -16.76
N PRO A 291 11.16 -26.33 -15.92
CA PRO A 291 12.11 -26.91 -14.96
C PRO A 291 13.40 -27.45 -15.59
N GLU A 292 13.29 -28.14 -16.73
CA GLU A 292 14.48 -28.69 -17.35
C GLU A 292 15.43 -27.62 -17.82
N ASN A 293 14.91 -26.44 -18.18
CA ASN A 293 15.77 -25.37 -18.65
C ASN A 293 16.46 -24.65 -17.51
N VAL A 294 15.82 -24.59 -16.33
CA VAL A 294 16.49 -24.00 -15.19
C VAL A 294 17.79 -24.76 -14.92
N VAL A 295 17.71 -26.09 -14.91
CA VAL A 295 18.89 -26.91 -14.66
C VAL A 295 20.00 -26.55 -15.65
N ALA A 296 19.64 -26.44 -16.92
CA ALA A 296 20.60 -26.16 -17.98
C ALA A 296 21.20 -24.77 -17.84
N GLU A 297 20.38 -23.76 -17.53
CA GLU A 297 20.92 -22.41 -17.36
C GLU A 297 21.90 -22.35 -16.19
N LEU A 298 21.57 -23.02 -15.09
CA LEU A 298 22.50 -23.08 -13.96
C LEU A 298 23.81 -23.76 -14.37
N ALA A 299 23.71 -24.90 -15.07
CA ALA A 299 24.92 -25.63 -15.47
C ALA A 299 25.80 -24.79 -16.39
N GLU A 300 25.19 -24.06 -17.31
CA GLU A 300 25.94 -23.19 -18.23
C GLU A 300 26.66 -22.08 -17.50
N ALA A 301 26.12 -21.65 -16.35
CA ALA A 301 26.78 -20.64 -15.52
C ALA A 301 27.84 -21.22 -14.60
N GLY A 302 28.01 -22.52 -14.58
CA GLY A 302 29.00 -23.16 -13.73
C GLY A 302 28.48 -23.70 -12.41
N LEU A 303 27.16 -23.84 -12.27
CA LEU A 303 26.56 -24.27 -11.02
C LEU A 303 25.78 -25.57 -11.23
N ARG A 304 25.86 -26.46 -10.26
CA ARG A 304 25.15 -27.74 -10.31
C ARG A 304 23.90 -27.65 -9.42
N GLN A 305 22.74 -27.89 -9.99
CA GLN A 305 21.51 -27.89 -9.21
C GLN A 305 21.49 -29.16 -8.37
N THR A 306 21.52 -28.99 -7.05
CA THR A 306 21.49 -30.14 -6.17
C THR A 306 20.09 -30.41 -5.63
N HIS A 307 19.22 -29.41 -5.61
CA HIS A 307 17.88 -29.56 -5.09
C HIS A 307 16.93 -28.69 -5.89
N TRP A 308 15.71 -29.18 -5.99
CA TRP A 308 14.60 -28.52 -6.68
C TRP A 308 13.35 -28.72 -5.87
N TRP A 309 12.69 -27.61 -5.56
CA TRP A 309 11.44 -27.62 -4.81
C TRP A 309 10.37 -26.93 -5.63
N THR A 310 9.17 -27.49 -5.65
CA THR A 310 8.06 -26.87 -6.35
C THR A 310 6.78 -27.16 -5.59
N ASP A 311 5.83 -26.24 -5.71
CA ASP A 311 4.52 -26.43 -5.11
C ASP A 311 3.78 -27.56 -5.84
N PRO A 312 2.76 -28.13 -5.21
CA PRO A 312 2.07 -29.28 -5.82
C PRO A 312 1.39 -28.97 -7.14
N ALA A 313 1.06 -27.72 -7.42
CA ALA A 313 0.50 -27.37 -8.72
C ALA A 313 1.56 -27.11 -9.78
N GLY A 314 2.83 -27.06 -9.40
CA GLY A 314 3.88 -26.78 -10.36
C GLY A 314 3.95 -25.34 -10.79
N ASP A 315 3.45 -24.43 -9.97
CA ASP A 315 3.37 -23.02 -10.35
C ASP A 315 4.72 -22.30 -10.24
N PHE A 316 5.58 -22.72 -9.32
CA PHE A 316 6.78 -21.97 -8.97
C PHE A 316 7.87 -22.96 -8.58
N GLY A 317 9.11 -22.60 -8.84
CA GLY A 317 10.24 -23.45 -8.47
C GLY A 317 11.35 -22.72 -7.74
N LEU A 318 11.97 -23.43 -6.80
CA LEU A 318 13.17 -22.97 -6.11
C LEU A 318 14.29 -23.97 -6.36
N SER A 319 15.47 -23.48 -6.75
CA SER A 319 16.63 -24.30 -7.00
C SER A 319 17.69 -23.98 -5.97
N LEU A 320 18.35 -25.01 -5.46
CA LEU A 320 19.62 -24.86 -4.74
C LEU A 320 20.72 -25.38 -5.67
N ALA A 321 21.74 -24.55 -5.88
CA ALA A 321 22.83 -24.90 -6.76
C ALA A 321 24.16 -24.54 -6.14
N VAL A 322 25.18 -25.32 -6.49
CA VAL A 322 26.53 -25.18 -5.94
C VAL A 322 27.55 -25.13 -7.07
N ARG A 323 28.74 -24.62 -6.75
CA ARG A 323 29.87 -24.75 -7.71
C ARG A 323 30.16 -26.24 -8.00
N GLY B 1 -3.14 -11.91 35.46
CA GLY B 1 -4.16 -11.21 36.29
C GLY B 1 -4.80 -10.04 35.57
N HIS B 2 -4.81 -10.11 34.25
CA HIS B 2 -5.23 -8.98 33.44
C HIS B 2 -6.61 -9.19 32.82
N MET B 3 -7.24 -8.06 32.53
CA MET B 3 -8.61 -8.01 32.04
C MET B 3 -8.71 -8.61 30.65
N ALA B 4 -9.62 -9.57 30.48
CA ALA B 4 -9.88 -10.11 29.16
C ALA B 4 -10.43 -9.04 28.23
N LEU B 5 -10.12 -9.18 26.96
CA LEU B 5 -10.66 -8.28 25.95
C LEU B 5 -12.11 -8.62 25.68
N SER B 6 -12.87 -7.60 25.28
CA SER B 6 -14.28 -7.76 24.97
C SER B 6 -14.55 -7.20 23.59
N LEU B 7 -15.38 -7.91 22.83
CA LEU B 7 -15.87 -7.43 21.55
C LEU B 7 -17.38 -7.65 21.57
N ALA B 8 -18.15 -6.58 21.37
CA ALA B 8 -19.61 -6.63 21.32
C ALA B 8 -20.00 -6.33 19.87
N ASN B 9 -20.79 -7.23 19.27
CA ASN B 9 -21.11 -7.13 17.85
C ASN B 9 -22.59 -6.88 17.69
N TYR B 10 -22.95 -5.79 16.99
CA TYR B 10 -24.34 -5.42 16.79
C TYR B 10 -24.79 -5.57 15.36
N LEU B 11 -23.90 -5.98 14.47
CA LEU B 11 -24.22 -6.15 13.06
C LEU B 11 -24.58 -7.59 12.73
N ALA B 12 -25.69 -7.77 12.00
CA ALA B 12 -26.02 -9.09 11.49
C ALA B 12 -24.99 -9.56 10.46
N ALA B 13 -24.96 -10.88 10.26
N ALA B 13 -24.82 -10.87 10.37
CA ALA B 13 -23.97 -11.49 9.37
CA ALA B 13 -24.22 -11.43 9.17
C ALA B 13 -24.01 -10.90 7.98
C ALA B 13 -25.07 -10.92 8.00
N ASP B 14 -25.21 -10.61 7.46
N ASP B 14 -24.40 -10.55 6.92
CA ASP B 14 -25.37 -10.17 6.08
CA ASP B 14 -25.06 -10.03 5.74
C ASP B 14 -25.53 -8.65 5.96
C ASP B 14 -25.48 -8.57 5.88
N SER B 15 -25.23 -7.89 7.01
CA SER B 15 -25.55 -6.47 7.03
C SER B 15 -24.76 -5.74 5.94
N ALA B 16 -23.45 -5.96 5.86
CA ALA B 16 -22.64 -5.29 4.84
C ALA B 16 -23.07 -5.69 3.43
N ALA B 17 -23.29 -6.98 3.19
CA ALA B 17 -23.68 -7.43 1.86
C ALA B 17 -25.00 -6.80 1.45
N GLU B 18 -25.98 -6.78 2.37
CA GLU B 18 -27.29 -6.22 2.05
C GLU B 18 -27.20 -4.72 1.85
N ALA B 19 -26.36 -4.04 2.64
CA ALA B 19 -26.18 -2.60 2.48
C ALA B 19 -25.56 -2.28 1.11
N LEU B 20 -24.57 -3.08 0.70
CA LEU B 20 -23.98 -2.87 -0.62
C LEU B 20 -25.03 -3.01 -1.72
N ARG B 21 -25.85 -4.07 -1.66
CA ARG B 21 -26.90 -4.25 -2.64
C ARG B 21 -27.82 -3.03 -2.69
N ARG B 22 -28.26 -2.55 -1.52
CA ARG B 22 -29.16 -1.39 -1.50
C ARG B 22 -28.48 -0.16 -2.06
N ASP B 23 -27.24 0.08 -1.63
CA ASP B 23 -26.50 1.29 -2.02
C ASP B 23 -26.21 1.31 -3.51
N VAL B 24 -25.86 0.16 -4.09
CA VAL B 24 -25.56 0.12 -5.52
C VAL B 24 -26.82 0.27 -6.34
N ARG B 25 -27.92 -0.39 -5.95
CA ARG B 25 -29.15 -0.23 -6.70
C ARG B 25 -29.56 1.24 -6.74
N ALA B 26 -29.57 1.89 -5.57
CA ALA B 26 -30.02 3.28 -5.51
C ALA B 26 -29.08 4.21 -6.25
N GLY B 27 -27.77 4.02 -6.07
CA GLY B 27 -26.80 4.95 -6.64
C GLY B 27 -26.70 4.86 -8.15
N LEU B 28 -26.82 3.65 -8.70
CA LEU B 28 -26.70 3.49 -10.15
C LEU B 28 -28.00 3.76 -10.89
N THR B 29 -29.14 3.83 -10.20
CA THR B 29 -30.39 4.13 -10.88
C THR B 29 -30.85 5.57 -10.67
N ALA B 30 -30.19 6.32 -9.79
CA ALA B 30 -30.45 7.75 -9.67
C ALA B 30 -30.08 8.45 -10.98
N THR B 31 -30.78 9.54 -11.29
CA THR B 31 -30.44 10.26 -12.51
C THR B 31 -29.04 10.87 -12.41
N GLN B 32 -28.64 11.31 -11.22
CA GLN B 32 -27.24 11.61 -10.95
C GLN B 32 -26.67 10.38 -10.24
N LYS B 33 -25.90 9.57 -10.97
CA LYS B 33 -25.35 8.36 -10.38
C LYS B 33 -24.33 8.69 -9.29
N SER B 34 -24.29 7.83 -8.28
CA SER B 34 -23.33 7.98 -7.19
C SER B 34 -23.12 6.63 -6.55
N LEU B 35 -22.07 6.51 -5.76
CA LEU B 35 -21.80 5.36 -4.90
C LEU B 35 -21.24 5.91 -3.60
N PRO B 36 -21.60 5.32 -2.45
CA PRO B 36 -21.07 5.81 -1.17
C PRO B 36 -19.60 5.45 -0.99
N PRO B 37 -18.80 6.36 -0.42
CA PRO B 37 -17.36 6.09 -0.28
C PRO B 37 -17.01 5.03 0.75
N LYS B 38 -17.92 4.62 1.62
CA LYS B 38 -17.58 3.54 2.54
C LYS B 38 -17.15 2.27 1.81
N TRP B 39 -17.56 2.09 0.54
CA TRP B 39 -17.24 0.89 -0.21
C TRP B 39 -15.85 0.94 -0.84
N PHE B 40 -15.13 2.06 -0.69
CA PHE B 40 -13.74 2.11 -1.12
C PHE B 40 -12.87 1.17 -0.30
N TYR B 41 -13.28 0.85 0.93
CA TYR B 41 -12.36 0.31 1.94
C TYR B 41 -12.49 -1.20 2.10
N ASP B 42 -12.46 -1.95 1.01
CA ASP B 42 -12.17 -3.36 1.05
C ASP B 42 -10.68 -3.53 1.32
N ALA B 43 -10.19 -4.77 1.25
CA ALA B 43 -8.79 -5.01 1.59
C ALA B 43 -7.84 -4.26 0.66
N VAL B 44 -8.10 -4.35 -0.65
CA VAL B 44 -7.28 -3.65 -1.63
C VAL B 44 -7.37 -2.14 -1.42
N GLY B 45 -8.60 -1.64 -1.25
CA GLY B 45 -8.81 -0.20 -1.14
C GLY B 45 -8.24 0.39 0.14
N SER B 46 -8.30 -0.36 1.24
CA SER B 46 -7.70 0.13 2.47
C SER B 46 -6.19 0.26 2.31
N ASP B 47 -5.58 -0.66 1.57
CA ASP B 47 -4.14 -0.61 1.33
C ASP B 47 -3.80 0.57 0.44
N LEU B 48 -4.62 0.83 -0.57
CA LEU B 48 -4.40 2.02 -1.39
C LEU B 48 -4.56 3.29 -0.57
N PHE B 49 -5.55 3.33 0.34
CA PHE B 49 -5.68 4.52 1.16
C PHE B 49 -4.45 4.71 2.05
N ASP B 50 -3.94 3.62 2.64
CA ASP B 50 -2.72 3.71 3.43
C ASP B 50 -1.59 4.34 2.61
N GLN B 51 -1.49 3.95 1.34
CA GLN B 51 -0.48 4.57 0.50
C GLN B 51 -0.77 6.04 0.25
N ILE B 52 -2.06 6.40 0.10
CA ILE B 52 -2.43 7.80 -0.09
C ILE B 52 -1.89 8.64 1.06
N THR B 53 -1.93 8.10 2.28
CA THR B 53 -1.48 8.91 3.42
C THR B 53 -0.01 9.27 3.34
N ARG B 54 0.76 8.65 2.44
CA ARG B 54 2.18 8.92 2.29
C ARG B 54 2.49 9.69 1.03
N LEU B 55 1.49 10.10 0.27
CA LEU B 55 1.76 10.82 -0.98
C LEU B 55 2.14 12.26 -0.68
N PRO B 56 3.08 12.83 -1.44
CA PRO B 56 3.47 14.23 -1.15
C PRO B 56 2.29 15.19 -1.21
N GLU B 57 1.34 14.97 -2.13
CA GLU B 57 0.22 15.88 -2.33
C GLU B 57 -0.83 15.75 -1.23
N TYR B 58 -0.93 14.59 -0.57
CA TYR B 58 -1.99 14.36 0.41
C TYR B 58 -1.46 14.75 1.78
N TYR B 59 -1.56 16.03 2.09
CA TYR B 59 -1.07 16.60 3.34
C TYR B 59 -1.91 16.25 4.60
N PRO B 60 -3.20 15.87 4.52
CA PRO B 60 -3.96 15.78 5.79
C PRO B 60 -3.41 14.84 6.85
N THR B 61 -2.99 13.61 6.50
CA THR B 61 -2.63 12.65 7.52
C THR B 61 -1.39 13.10 8.29
N ARG B 62 -0.33 13.49 7.56
CA ARG B 62 0.87 13.84 8.30
C ARG B 62 0.71 15.19 8.99
N THR B 63 -0.14 16.07 8.47
CA THR B 63 -0.36 17.34 9.15
C THR B 63 -1.07 17.11 10.49
N GLU B 64 -2.13 16.31 10.46
CA GLU B 64 -2.82 15.95 11.70
C GLU B 64 -1.87 15.23 12.65
N ALA B 65 -1.03 14.34 12.11
CA ALA B 65 -0.08 13.62 12.96
C ALA B 65 0.88 14.58 13.65
N GLN B 66 1.31 15.62 12.95
CA GLN B 66 2.26 16.54 13.58
C GLN B 66 1.59 17.32 14.70
N ILE B 67 0.33 17.72 14.52
CA ILE B 67 -0.40 18.39 15.61
C ILE B 67 -0.49 17.47 16.82
N LEU B 68 -0.86 16.21 16.59
CA LEU B 68 -1.00 15.26 17.69
C LEU B 68 0.35 14.97 18.35
N ARG B 69 1.42 14.93 17.58
CA ARG B 69 2.75 14.77 18.17
C ARG B 69 3.04 15.91 19.14
N THR B 70 2.72 17.13 18.75
CA THR B 70 3.00 18.34 19.53
C THR B 70 2.05 18.51 20.70
N ARG B 71 0.78 18.13 20.52
CA ARG B 71 -0.27 18.52 21.44
C ARG B 71 -0.89 17.39 22.25
N SER B 72 -0.48 16.12 22.04
CA SER B 72 -1.16 15.01 22.70
C SER B 72 -1.13 15.19 24.23
N ALA B 73 -0.02 15.62 24.78
CA ALA B 73 0.04 15.80 26.24
C ALA B 73 -0.97 16.83 26.69
N GLU B 74 -1.09 17.95 25.96
CA GLU B 74 -2.06 18.98 26.35
C GLU B 74 -3.49 18.48 26.18
N ILE B 75 -3.76 17.71 25.10
CA ILE B 75 -5.09 17.15 24.89
C ILE B 75 -5.48 16.26 26.05
N ILE B 76 -4.60 15.37 26.47
CA ILE B 76 -4.90 14.43 27.54
C ILE B 76 -5.07 15.17 28.86
N SER B 77 -4.27 16.23 29.09
CA SER B 77 -4.42 17.01 30.32
C SER B 77 -5.75 17.74 30.34
N ALA B 78 -6.15 18.33 29.21
CA ALA B 78 -7.42 19.04 29.15
C ALA B 78 -8.59 18.08 29.30
N ALA B 79 -8.50 16.91 28.69
CA ALA B 79 -9.61 15.98 28.74
C ALA B 79 -9.77 15.36 30.11
N GLY B 80 -8.65 15.04 30.77
CA GLY B 80 -8.72 14.37 32.06
C GLY B 80 -9.32 12.98 31.98
N ALA B 81 -9.37 12.40 30.78
CA ALA B 81 -10.06 11.15 30.57
C ALA B 81 -9.19 9.95 30.93
N ASP B 82 -9.85 8.86 31.35
CA ASP B 82 -9.18 7.58 31.56
C ASP B 82 -9.55 6.55 30.50
N THR B 83 -10.43 6.92 29.57
CA THR B 83 -11.01 6.02 28.58
C THR B 83 -10.93 6.72 27.23
N LEU B 84 -10.27 6.10 26.27
CA LEU B 84 -10.17 6.60 24.91
C LEU B 84 -11.18 5.83 24.05
N VAL B 85 -12.11 6.53 23.42
CA VAL B 85 -13.06 5.96 22.48
C VAL B 85 -12.63 6.40 21.09
N GLU B 86 -12.43 5.46 20.19
CA GLU B 86 -12.02 5.80 18.84
C GLU B 86 -13.12 5.44 17.84
N LEU B 87 -13.57 6.43 17.08
CA LEU B 87 -14.54 6.16 16.01
C LEU B 87 -13.64 5.76 14.85
N GLY B 88 -13.37 4.46 14.76
CA GLY B 88 -12.23 3.96 14.00
C GLY B 88 -11.70 2.69 14.64
N SER B 89 -10.73 2.06 13.96
CA SER B 89 -10.37 0.69 14.36
C SER B 89 -9.16 0.59 15.28
N GLY B 90 -8.46 1.68 15.57
CA GLY B 90 -7.34 1.58 16.49
C GLY B 90 -6.05 1.06 15.90
N THR B 91 -5.90 1.17 14.59
CA THR B 91 -4.73 0.63 13.91
C THR B 91 -3.61 1.64 13.67
N SER B 92 -3.84 2.91 13.98
CA SER B 92 -2.96 3.95 13.49
C SER B 92 -1.93 4.36 14.56
N GLU B 93 -0.90 5.04 14.10
CA GLU B 93 0.04 5.64 15.03
C GLU B 93 -0.61 6.76 15.85
N LYS B 94 -1.58 7.47 15.27
CA LYS B 94 -2.29 8.52 16.02
C LYS B 94 -2.97 7.96 17.28
N THR B 95 -3.61 6.78 17.16
CA THR B 95 -4.20 6.14 18.34
C THR B 95 -3.14 5.95 19.42
N ARG B 96 -1.95 5.55 19.02
CA ARG B 96 -0.89 5.29 19.98
C ARG B 96 -0.32 6.56 20.57
N MET B 97 -0.32 7.68 19.82
CA MET B 97 0.11 8.94 20.43
C MET B 97 -0.80 9.32 21.59
N LEU B 98 -2.11 9.16 21.40
CA LEU B 98 -3.09 9.49 22.43
C LEU B 98 -2.99 8.52 23.59
N LEU B 99 -2.93 7.21 23.30
CA LEU B 99 -2.80 6.23 24.36
C LEU B 99 -1.50 6.41 25.15
N ASP B 100 -0.38 6.67 24.44
CA ASP B 100 0.87 6.91 25.14
C ASP B 100 0.76 8.10 26.08
N ALA B 101 0.11 9.17 25.63
CA ALA B 101 0.01 10.36 26.47
C ALA B 101 -0.86 10.08 27.69
N MET B 102 -1.95 9.33 27.52
CA MET B 102 -2.80 8.97 28.65
C MET B 102 -2.05 8.08 29.63
N ARG B 103 -1.24 7.15 29.11
CA ARG B 103 -0.41 6.34 30.00
C ARG B 103 0.60 7.20 30.75
N ASP B 104 1.25 8.14 30.06
CA ASP B 104 2.27 8.97 30.69
C ASP B 104 1.67 9.86 31.76
N ALA B 105 0.41 10.24 31.61
CA ALA B 105 -0.30 11.05 32.61
C ALA B 105 -0.85 10.20 33.75
N GLU B 106 -0.63 8.88 33.71
CA GLU B 106 -1.12 7.96 34.73
C GLU B 106 -2.65 7.90 34.77
N LEU B 107 -3.30 8.14 33.63
CA LEU B 107 -4.76 8.11 33.55
C LEU B 107 -5.32 6.89 32.83
N LEU B 108 -4.54 6.26 31.95
CA LEU B 108 -5.11 5.29 31.02
C LEU B 108 -5.65 4.05 31.70
N ARG B 109 -6.92 3.74 31.44
CA ARG B 109 -7.52 2.51 31.96
CA ARG B 109 -7.52 2.53 31.95
C ARG B 109 -8.17 1.68 30.86
N ARG B 110 -8.67 2.32 29.79
CA ARG B 110 -9.60 1.65 28.88
C ARG B 110 -9.53 2.20 27.47
N PHE B 111 -9.71 1.30 26.50
CA PHE B 111 -9.76 1.66 25.08
C PHE B 111 -11.01 1.04 24.47
N ILE B 112 -11.77 1.86 23.76
CA ILE B 112 -13.04 1.46 23.14
C ILE B 112 -13.00 1.81 21.66
N PRO B 113 -12.52 0.90 20.80
CA PRO B 113 -12.59 1.10 19.35
C PRO B 113 -13.98 0.73 18.83
N PHE B 114 -14.51 1.56 17.96
CA PHE B 114 -15.85 1.43 17.39
C PHE B 114 -15.70 1.40 15.87
N ASP B 115 -16.11 0.31 15.22
CA ASP B 115 -15.99 0.28 13.76
C ASP B 115 -16.82 -0.85 13.22
N VAL B 116 -16.85 -0.95 11.88
CA VAL B 116 -17.81 -1.87 11.26
C VAL B 116 -17.26 -3.26 10.95
N ASP B 117 -15.94 -3.49 11.10
CA ASP B 117 -15.33 -4.76 10.70
C ASP B 117 -14.82 -5.51 11.93
N ALA B 118 -15.52 -6.60 12.29
CA ALA B 118 -15.16 -7.31 13.52
C ALA B 118 -13.74 -7.89 13.45
N GLY B 119 -13.31 -8.34 12.28
CA GLY B 119 -11.98 -8.91 12.17
C GLY B 119 -10.89 -7.88 12.40
N VAL B 120 -11.08 -6.68 11.86
CA VAL B 120 -10.12 -5.61 12.12
C VAL B 120 -10.11 -5.27 13.60
N LEU B 121 -11.28 -5.25 14.24
CA LEU B 121 -11.32 -4.96 15.68
C LEU B 121 -10.62 -6.04 16.51
N ARG B 122 -10.75 -7.30 16.13
CA ARG B 122 -10.05 -8.35 16.88
C ARG B 122 -8.53 -8.17 16.79
N SER B 123 -8.01 -7.87 15.60
CA SER B 123 -6.58 -7.71 15.42
C SER B 123 -6.07 -6.47 16.15
N ALA B 124 -6.80 -5.35 16.02
CA ALA B 124 -6.35 -4.09 16.59
C ALA B 124 -6.42 -4.14 18.11
N GLY B 125 -7.48 -4.77 18.66
CA GLY B 125 -7.57 -4.95 20.08
C GLY B 125 -6.48 -5.82 20.65
N ALA B 126 -6.10 -6.89 19.94
CA ALA B 126 -5.02 -7.74 20.41
C ALA B 126 -3.72 -6.98 20.48
N ALA B 127 -3.42 -6.17 19.47
CA ALA B 127 -2.18 -5.37 19.50
C ALA B 127 -2.19 -4.37 20.66
N ILE B 128 -3.30 -3.65 20.87
CA ILE B 128 -3.34 -2.68 21.94
C ILE B 128 -3.23 -3.37 23.29
N GLY B 129 -3.91 -4.52 23.43
CA GLY B 129 -3.83 -5.28 24.68
C GLY B 129 -2.42 -5.70 25.01
N ALA B 130 -1.60 -5.93 24.01
CA ALA B 130 -0.21 -6.32 24.25
C ALA B 130 0.67 -5.11 24.52
N GLU B 131 0.41 -3.99 23.82
CA GLU B 131 1.22 -2.78 23.95
C GLU B 131 0.98 -2.02 25.24
N TYR B 132 -0.20 -2.19 25.86
CA TYR B 132 -0.56 -1.49 27.10
C TYR B 132 -1.05 -2.54 28.09
N PRO B 133 -0.14 -3.30 28.69
CA PRO B 133 -0.56 -4.47 29.48
C PRO B 133 -1.51 -4.06 30.61
N GLY B 134 -2.60 -4.81 30.75
CA GLY B 134 -3.61 -4.53 31.75
C GLY B 134 -4.76 -3.66 31.30
N ILE B 135 -4.64 -3.00 30.15
CA ILE B 135 -5.71 -2.13 29.65
C ILE B 135 -6.99 -2.92 29.44
N GLU B 136 -8.11 -2.27 29.71
CA GLU B 136 -9.43 -2.83 29.40
C GLU B 136 -9.80 -2.44 27.99
N ILE B 137 -10.03 -3.44 27.12
CA ILE B 137 -10.43 -3.19 25.75
C ILE B 137 -11.87 -3.64 25.60
N ASP B 138 -12.73 -2.68 25.21
CA ASP B 138 -14.16 -2.92 24.97
C ASP B 138 -14.42 -2.50 23.53
N ALA B 139 -14.20 -3.41 22.60
CA ALA B 139 -14.43 -3.10 21.19
C ALA B 139 -15.92 -3.24 20.87
N VAL B 140 -16.39 -2.41 19.95
CA VAL B 140 -17.79 -2.35 19.59
C VAL B 140 -17.87 -2.38 18.07
N CYS B 141 -18.48 -3.44 17.54
CA CYS B 141 -18.72 -3.55 16.10
C CYS B 141 -20.13 -3.03 15.81
N GLY B 142 -20.21 -1.89 15.15
CA GLY B 142 -21.48 -1.27 14.81
C GLY B 142 -21.27 -0.12 13.85
N ASP B 143 -22.39 0.43 13.37
CA ASP B 143 -22.30 1.57 12.45
C ASP B 143 -22.80 2.87 13.08
N PHE B 144 -22.37 3.98 12.48
CA PHE B 144 -22.73 5.31 12.97
C PHE B 144 -24.24 5.50 13.03
N GLU B 145 -24.97 4.98 12.06
CA GLU B 145 -26.37 5.32 11.91
C GLU B 145 -27.19 4.77 13.07
N GLU B 146 -26.77 3.65 13.66
CA GLU B 146 -27.61 2.92 14.57
C GLU B 146 -27.03 2.68 15.95
N HIS B 147 -25.71 2.65 16.09
CA HIS B 147 -25.10 2.01 17.25
C HIS B 147 -24.20 2.89 18.10
N LEU B 148 -24.21 4.21 17.90
CA LEU B 148 -23.38 5.05 18.75
C LEU B 148 -23.79 4.92 20.21
N GLY B 149 -25.07 4.64 20.46
CA GLY B 149 -25.57 4.43 21.80
C GLY B 149 -25.09 3.15 22.46
N LYS B 150 -24.47 2.26 21.70
CA LYS B 150 -23.92 1.03 22.25
C LYS B 150 -22.50 1.22 22.80
N ILE B 151 -21.85 2.33 22.51
CA ILE B 151 -20.54 2.58 23.13
C ILE B 151 -20.73 2.66 24.65
N PRO B 152 -19.98 1.89 25.45
CA PRO B 152 -20.16 1.94 26.90
C PRO B 152 -19.95 3.33 27.50
N HIS B 153 -20.70 3.64 28.56
N HIS B 153 -20.83 3.66 28.45
CA HIS B 153 -20.61 4.96 29.16
CA HIS B 153 -20.77 4.87 29.26
C HIS B 153 -19.66 5.02 30.36
C HIS B 153 -20.07 4.49 30.56
N VAL B 154 -18.79 4.03 30.54
N VAL B 154 -18.76 4.48 30.52
CA VAL B 154 -18.07 3.95 31.81
CA VAL B 154 -17.96 3.98 31.64
C VAL B 154 -16.78 4.77 31.70
C VAL B 154 -16.71 4.83 31.68
N GLY B 155 -16.32 5.24 32.85
CA GLY B 155 -15.14 6.07 32.94
C GLY B 155 -15.41 7.51 32.53
N ARG B 156 -14.33 8.24 32.38
CA ARG B 156 -14.36 9.58 31.81
CA ARG B 156 -14.35 9.58 31.81
C ARG B 156 -13.79 9.46 30.41
N ARG B 157 -14.59 9.76 29.39
CA ARG B 157 -14.28 9.36 28.02
C ARG B 157 -13.88 10.51 27.11
N LEU B 158 -12.78 10.29 26.40
CA LEU B 158 -12.30 11.13 25.32
C LEU B 158 -12.64 10.39 24.05
N VAL B 159 -13.57 10.93 23.28
CA VAL B 159 -14.04 10.33 22.02
C VAL B 159 -13.30 11.02 20.90
N VAL B 160 -12.76 10.23 19.97
N VAL B 160 -12.65 10.26 20.02
CA VAL B 160 -11.86 10.70 18.92
CA VAL B 160 -11.87 10.88 18.96
C VAL B 160 -12.49 10.43 17.57
C VAL B 160 -12.39 10.47 17.59
N PHE B 161 -12.44 11.43 16.67
CA PHE B 161 -12.92 11.22 15.28
C PHE B 161 -11.98 12.03 14.41
N LEU B 162 -10.94 11.38 13.91
CA LEU B 162 -9.80 12.06 13.31
C LEU B 162 -9.85 12.00 11.79
N GLY B 163 -8.91 12.71 11.18
CA GLY B 163 -8.66 12.61 9.74
C GLY B 163 -9.55 13.42 8.85
N SER B 164 -10.48 14.20 9.40
CA SER B 164 -11.49 14.93 8.63
C SER B 164 -12.46 13.96 7.96
N THR B 165 -12.61 12.74 8.49
CA THR B 165 -13.64 11.83 8.00
C THR B 165 -15.03 12.41 8.18
N ILE B 166 -15.21 13.33 9.15
CA ILE B 166 -16.50 14.00 9.27
C ILE B 166 -16.84 14.77 8.00
N GLY B 167 -15.83 15.15 7.23
CA GLY B 167 -16.09 15.85 5.99
C GLY B 167 -16.75 15.00 4.91
N ASN B 168 -16.82 13.68 5.09
CA ASN B 168 -17.57 12.83 4.16
C ASN B 168 -19.07 13.03 4.30
N LEU B 169 -19.51 13.66 5.38
CA LEU B 169 -20.92 13.92 5.62
C LEU B 169 -21.25 15.32 5.14
N THR B 170 -22.26 15.44 4.27
CA THR B 170 -22.79 16.75 3.90
C THR B 170 -23.50 17.40 5.11
N PRO B 171 -23.86 18.68 5.01
CA PRO B 171 -24.25 19.41 6.23
C PRO B 171 -25.41 18.82 7.02
N ALA B 172 -26.46 18.33 6.37
CA ALA B 172 -27.60 17.80 7.13
C ALA B 172 -27.23 16.52 7.86
N PRO B 173 -26.72 15.48 7.18
CA PRO B 173 -26.30 14.29 7.94
C PRO B 173 -25.18 14.58 8.93
N ARG B 174 -24.33 15.56 8.64
CA ARG B 174 -23.25 15.89 9.57
C ARG B 174 -23.81 16.45 10.88
N ALA B 175 -24.79 17.34 10.80
CA ALA B 175 -25.38 17.88 12.02
C ALA B 175 -26.11 16.80 12.80
N GLU B 176 -26.83 15.91 12.09
CA GLU B 176 -27.48 14.80 12.77
C GLU B 176 -26.46 13.90 13.46
N PHE B 177 -25.34 13.61 12.79
CA PHE B 177 -24.31 12.78 13.40
C PHE B 177 -23.73 13.44 14.66
N LEU B 178 -23.40 14.73 14.58
CA LEU B 178 -22.79 15.39 15.74
C LEU B 178 -23.76 15.46 16.90
N SER B 179 -25.04 15.73 16.61
N SER B 179 -25.05 15.72 16.62
CA SER B 179 -26.04 15.81 17.65
CA SER B 179 -26.02 15.81 17.71
C SER B 179 -26.25 14.45 18.31
C SER B 179 -26.27 14.44 18.33
N THR B 180 -26.34 13.40 17.49
CA THR B 180 -26.47 12.04 18.03
C THR B 180 -25.27 11.69 18.90
N LEU B 181 -24.07 11.96 18.42
CA LEU B 181 -22.87 11.66 19.19
C LEU B 181 -22.85 12.44 20.49
N ALA B 182 -23.10 13.75 20.40
CA ALA B 182 -23.12 14.60 21.59
C ALA B 182 -24.08 14.07 22.64
N ASP B 183 -25.23 13.55 22.20
CA ASP B 183 -26.24 13.07 23.14
C ASP B 183 -25.78 11.84 23.94
N THR B 184 -24.76 11.13 23.45
CA THR B 184 -24.22 9.99 24.16
C THR B 184 -23.16 10.38 25.20
N LEU B 185 -22.71 11.63 25.20
CA LEU B 185 -21.66 12.06 26.11
C LEU B 185 -22.25 12.54 27.43
N GLN B 186 -21.55 12.25 28.49
CA GLN B 186 -21.92 12.70 29.83
C GLN B 186 -21.11 13.93 30.18
N PRO B 187 -21.54 14.70 31.18
CA PRO B 187 -20.70 15.80 31.62
C PRO B 187 -19.33 15.27 31.98
N GLY B 188 -18.29 15.94 31.54
CA GLY B 188 -16.94 15.47 31.76
C GLY B 188 -16.32 14.74 30.60
N ASP B 189 -17.12 14.19 29.69
CA ASP B 189 -16.59 13.59 28.48
C ASP B 189 -16.18 14.68 27.49
N SER B 190 -15.33 14.30 26.53
N SER B 190 -15.37 14.30 26.50
CA SER B 190 -14.80 15.24 25.55
CA SER B 190 -14.92 15.26 25.52
C SER B 190 -14.86 14.57 24.17
C SER B 190 -14.77 14.59 24.17
N LEU B 191 -14.86 15.41 23.13
CA LEU B 191 -14.73 14.98 21.75
C LEU B 191 -13.53 15.68 21.15
N LEU B 192 -12.65 14.92 20.54
CA LEU B 192 -11.53 15.43 19.77
C LEU B 192 -11.86 15.20 18.30
N LEU B 193 -11.97 16.28 17.53
CA LEU B 193 -12.44 16.22 16.15
C LEU B 193 -11.41 16.83 15.21
N GLY B 194 -11.02 16.07 14.18
CA GLY B 194 -10.14 16.59 13.13
C GLY B 194 -10.93 17.11 11.94
N THR B 195 -10.61 18.33 11.49
CA THR B 195 -11.25 18.98 10.37
C THR B 195 -10.18 19.58 9.47
N ASP B 196 -10.16 19.15 8.21
CA ASP B 196 -9.29 19.77 7.22
C ASP B 196 -9.86 21.12 6.80
N LEU B 197 -8.99 22.11 6.57
CA LEU B 197 -9.41 23.50 6.44
C LEU B 197 -9.34 23.99 4.99
N VAL B 198 -10.23 24.94 4.67
CA VAL B 198 -10.19 25.61 3.37
C VAL B 198 -8.80 26.22 3.19
N LYS B 199 -8.31 26.17 1.96
CA LYS B 199 -6.95 26.59 1.61
C LYS B 199 -6.89 26.78 0.11
N ASP B 200 -5.69 27.05 -0.41
CA ASP B 200 -5.46 27.16 -1.85
C ASP B 200 -6.13 26.02 -2.61
N THR B 201 -6.95 26.38 -3.61
CA THR B 201 -7.75 25.35 -4.27
C THR B 201 -6.88 24.39 -5.07
N GLY B 202 -5.76 24.86 -5.62
CA GLY B 202 -4.86 23.95 -6.32
C GLY B 202 -4.28 22.88 -5.40
N ARG B 203 -3.90 23.27 -4.18
CA ARG B 203 -3.41 22.26 -3.23
C ARG B 203 -4.50 21.25 -2.89
N LEU B 204 -5.75 21.71 -2.79
CA LEU B 204 -6.84 20.80 -2.46
C LEU B 204 -7.08 19.81 -3.58
N VAL B 205 -7.16 20.28 -4.83
CA VAL B 205 -7.43 19.35 -5.92
C VAL B 205 -6.29 18.35 -6.07
N ARG B 206 -5.04 18.82 -6.02
CA ARG B 206 -3.92 17.89 -6.17
C ARG B 206 -3.89 16.85 -5.06
N ALA B 207 -4.30 17.22 -3.84
CA ALA B 207 -4.37 16.23 -2.76
C ALA B 207 -5.30 15.06 -3.07
N TYR B 208 -6.24 15.24 -4.01
CA TYR B 208 -7.20 14.21 -4.41
C TYR B 208 -7.00 13.79 -5.85
N ASP B 209 -5.88 14.16 -6.45
CA ASP B 209 -5.52 13.77 -7.82
C ASP B 209 -3.99 13.87 -7.93
N ASP B 210 -3.33 13.00 -7.21
CA ASP B 210 -1.88 13.02 -7.08
C ASP B 210 -1.23 12.62 -8.39
N ALA B 211 0.01 13.07 -8.55
CA ALA B 211 0.72 12.90 -9.82
C ALA B 211 0.95 11.44 -10.17
N ALA B 212 1.06 10.57 -9.16
CA ALA B 212 1.33 9.17 -9.44
C ALA B 212 0.09 8.37 -9.78
N GLY B 213 -1.11 8.95 -9.70
CA GLY B 213 -2.31 8.21 -10.03
C GLY B 213 -2.79 7.25 -8.96
N VAL B 214 -2.31 7.39 -7.72
CA VAL B 214 -2.75 6.44 -6.69
C VAL B 214 -4.18 6.70 -6.29
N THR B 215 -4.59 7.97 -6.12
CA THR B 215 -5.97 8.25 -5.79
C THR B 215 -6.91 7.79 -6.90
N ALA B 216 -6.48 7.92 -8.15
CA ALA B 216 -7.31 7.45 -9.27
C ALA B 216 -7.55 5.95 -9.17
N ALA B 217 -6.54 5.19 -8.76
CA ALA B 217 -6.69 3.75 -8.59
C ALA B 217 -7.63 3.45 -7.43
N PHE B 218 -7.48 4.20 -6.32
CA PHE B 218 -8.36 4.07 -5.16
C PHE B 218 -9.82 4.31 -5.54
N ASN B 219 -10.06 5.38 -6.33
CA ASN B 219 -11.42 5.70 -6.77
C ASN B 219 -11.96 4.61 -7.67
N ARG B 220 -11.18 4.21 -8.70
CA ARG B 220 -11.68 3.22 -9.63
C ARG B 220 -11.89 1.86 -8.98
N ASN B 221 -11.20 1.58 -7.87
CA ASN B 221 -11.35 0.28 -7.23
C ASN B 221 -12.74 0.07 -6.67
N VAL B 222 -13.54 1.12 -6.43
CA VAL B 222 -14.93 0.86 -6.03
C VAL B 222 -15.67 0.10 -7.11
N LEU B 223 -15.34 0.31 -8.38
CA LEU B 223 -15.95 -0.45 -9.45
C LEU B 223 -15.56 -1.91 -9.39
N ALA B 224 -14.31 -2.19 -8.97
CA ALA B 224 -13.88 -3.57 -8.80
C ALA B 224 -14.61 -4.24 -7.65
N VAL B 225 -14.85 -3.49 -6.57
CA VAL B 225 -15.65 -4.00 -5.45
C VAL B 225 -17.02 -4.43 -5.95
N VAL B 226 -17.70 -3.57 -6.72
CA VAL B 226 -19.01 -3.92 -7.24
C VAL B 226 -18.89 -5.10 -8.21
N ASN B 227 -17.88 -5.06 -9.09
CA ASN B 227 -17.72 -6.15 -10.04
C ASN B 227 -17.61 -7.50 -9.34
N ARG B 228 -16.80 -7.56 -8.28
CA ARG B 228 -16.56 -8.80 -7.57
C ARG B 228 -17.77 -9.21 -6.75
N GLU B 229 -18.28 -8.30 -5.92
CA GLU B 229 -19.28 -8.65 -4.91
C GLU B 229 -20.66 -8.81 -5.50
N LEU B 230 -20.98 -8.09 -6.57
CA LEU B 230 -22.29 -8.18 -7.18
C LEU B 230 -22.24 -8.71 -8.61
N SER B 231 -21.13 -9.31 -9.04
CA SER B 231 -21.02 -9.89 -10.37
C SER B 231 -21.38 -8.87 -11.46
N ALA B 232 -20.70 -7.72 -11.41
CA ALA B 232 -20.88 -6.68 -12.41
C ALA B 232 -19.71 -6.70 -13.40
N ASP B 233 -19.88 -5.93 -14.49
CA ASP B 233 -18.90 -5.90 -15.57
C ASP B 233 -18.45 -4.49 -15.92
N PHE B 234 -18.28 -3.62 -14.91
CA PHE B 234 -17.60 -2.36 -15.14
C PHE B 234 -16.25 -2.59 -15.80
N ASP B 235 -15.95 -1.80 -16.83
CA ASP B 235 -14.64 -1.78 -17.47
C ASP B 235 -13.84 -0.65 -16.82
N LEU B 236 -12.97 -0.97 -15.87
CA LEU B 236 -12.32 0.09 -15.11
C LEU B 236 -11.56 1.03 -16.05
N ASP B 237 -11.02 0.50 -17.15
CA ASP B 237 -10.24 1.35 -18.05
C ASP B 237 -11.09 2.42 -18.73
N ALA B 238 -12.42 2.24 -18.72
CA ALA B 238 -13.29 3.19 -19.39
C ALA B 238 -13.64 4.39 -18.53
N PHE B 239 -13.14 4.47 -17.29
CA PHE B 239 -13.54 5.53 -16.37
C PHE B 239 -12.35 6.39 -15.98
N GLU B 240 -12.48 7.69 -16.20
CA GLU B 240 -11.47 8.67 -15.83
C GLU B 240 -11.71 9.18 -14.42
N HIS B 241 -10.62 9.33 -13.66
CA HIS B 241 -10.70 9.92 -12.34
C HIS B 241 -10.77 11.44 -12.43
N VAL B 242 -11.71 12.05 -11.71
CA VAL B 242 -11.86 13.50 -11.76
C VAL B 242 -12.05 14.01 -10.34
N ALA B 243 -11.16 14.89 -9.90
CA ALA B 243 -11.28 15.60 -8.63
C ALA B 243 -11.69 17.03 -8.91
N LYS B 244 -12.76 17.49 -8.25
CA LYS B 244 -13.21 18.86 -8.40
C LYS B 244 -13.27 19.59 -7.08
N TRP B 245 -13.01 20.91 -7.13
CA TRP B 245 -13.30 21.79 -6.00
C TRP B 245 -14.63 22.48 -6.27
N ASN B 246 -15.58 22.24 -5.40
CA ASN B 246 -16.90 22.87 -5.46
C ASN B 246 -16.88 24.09 -4.55
N SER B 247 -16.83 25.28 -5.14
CA SER B 247 -16.64 26.49 -4.34
C SER B 247 -17.92 26.90 -3.62
N ASP B 248 -19.09 26.56 -4.17
CA ASP B 248 -20.36 26.88 -3.53
C ASP B 248 -20.51 26.13 -2.21
N GLU B 249 -20.16 24.85 -2.19
CA GLU B 249 -20.29 24.00 -1.02
C GLU B 249 -18.99 23.87 -0.24
N GLU B 250 -17.90 24.47 -0.74
CA GLU B 250 -16.54 24.37 -0.19
C GLU B 250 -16.20 22.93 0.20
N ARG B 251 -16.24 22.07 -0.82
CA ARG B 251 -15.92 20.67 -0.65
C ARG B 251 -15.19 20.16 -1.87
N ILE B 252 -14.29 19.22 -1.64
CA ILE B 252 -13.69 18.44 -2.72
C ILE B 252 -14.69 17.37 -3.11
N GLU B 253 -14.70 17.03 -4.41
CA GLU B 253 -15.51 15.92 -4.91
C GLU B 253 -14.65 14.99 -5.75
N MET B 254 -14.88 13.70 -5.61
CA MET B 254 -14.28 12.70 -6.50
C MET B 254 -15.38 12.15 -7.38
N TRP B 255 -15.10 12.09 -8.67
CA TRP B 255 -16.03 11.58 -9.67
C TRP B 255 -15.32 10.55 -10.54
N LEU B 256 -16.11 9.67 -11.17
CA LEU B 256 -15.66 8.77 -12.24
C LEU B 256 -16.42 9.15 -13.49
N ARG B 257 -15.68 9.44 -14.57
CA ARG B 257 -16.25 9.93 -15.82
C ARG B 257 -16.07 8.89 -16.91
N ALA B 258 -17.18 8.50 -17.54
CA ALA B 258 -17.10 7.52 -18.62
C ALA B 258 -16.47 8.15 -19.86
N ARG B 259 -15.41 7.53 -20.38
CA ARG B 259 -14.74 8.03 -21.56
C ARG B 259 -15.64 7.89 -22.78
N THR B 260 -16.39 6.80 -22.84
CA THR B 260 -17.32 6.50 -23.90
C THR B 260 -18.57 5.88 -23.28
N ALA B 261 -19.59 5.69 -24.10
CA ALA B 261 -20.81 5.05 -23.64
C ALA B 261 -20.50 3.65 -23.12
N GLN B 262 -21.06 3.32 -21.95
CA GLN B 262 -20.85 2.05 -21.29
C GLN B 262 -22.19 1.45 -20.90
N HIS B 263 -22.36 0.17 -21.17
CA HIS B 263 -23.49 -0.61 -20.67
C HIS B 263 -22.97 -1.55 -19.59
N VAL B 264 -23.56 -1.48 -18.41
CA VAL B 264 -23.10 -2.23 -17.24
C VAL B 264 -24.24 -3.11 -16.76
N ARG B 265 -23.97 -4.41 -16.64
CA ARG B 265 -24.91 -5.33 -16.00
C ARG B 265 -24.40 -5.69 -14.61
N VAL B 266 -25.26 -5.52 -13.60
CA VAL B 266 -24.94 -5.95 -12.24
C VAL B 266 -25.74 -7.22 -11.98
N ALA B 267 -25.13 -8.36 -12.25
CA ALA B 267 -25.90 -9.61 -12.35
C ALA B 267 -26.56 -9.97 -11.03
N ALA B 268 -25.90 -9.71 -9.90
CA ALA B 268 -26.47 -10.09 -8.61
C ALA B 268 -27.72 -9.28 -8.28
N LEU B 269 -27.90 -8.13 -8.92
CA LEU B 269 -29.10 -7.31 -8.76
C LEU B 269 -30.06 -7.46 -9.93
N ASP B 270 -29.71 -8.29 -10.91
CA ASP B 270 -30.46 -8.38 -12.16
C ASP B 270 -30.76 -6.97 -12.69
N LEU B 271 -29.72 -6.14 -12.68
CA LEU B 271 -29.84 -4.73 -13.01
C LEU B 271 -28.91 -4.38 -14.15
N GLU B 272 -29.45 -3.72 -15.17
CA GLU B 272 -28.64 -3.17 -16.25
C GLU B 272 -28.75 -1.66 -16.23
N VAL B 273 -27.60 -0.99 -16.44
CA VAL B 273 -27.45 0.45 -16.29
C VAL B 273 -26.60 0.97 -17.44
N ASP B 274 -26.85 2.22 -17.83
CA ASP B 274 -26.13 2.83 -18.95
C ASP B 274 -25.47 4.13 -18.54
N PHE B 275 -24.23 4.33 -19.02
CA PHE B 275 -23.50 5.59 -18.91
C PHE B 275 -23.38 6.21 -20.30
N ALA B 276 -23.74 7.48 -20.40
CA ALA B 276 -23.46 8.21 -21.63
C ALA B 276 -21.98 8.57 -21.68
N ALA B 277 -21.49 8.85 -22.89
CA ALA B 277 -20.12 9.36 -23.00
C ALA B 277 -20.03 10.66 -22.24
N GLY B 278 -19.05 10.77 -21.36
CA GLY B 278 -18.89 11.95 -20.54
C GLY B 278 -19.72 11.96 -19.28
N GLU B 279 -20.58 10.97 -19.06
CA GLU B 279 -21.39 10.97 -17.86
C GLU B 279 -20.51 10.73 -16.65
N GLU B 280 -20.81 11.45 -15.57
CA GLU B 280 -19.99 11.41 -14.37
C GLU B 280 -20.79 10.86 -13.19
N MET B 281 -20.12 10.06 -12.38
CA MET B 281 -20.69 9.46 -11.19
C MET B 281 -19.92 9.93 -9.97
N LEU B 282 -20.65 10.43 -8.96
CA LEU B 282 -20.05 10.99 -7.75
C LEU B 282 -19.72 9.85 -6.78
N THR B 283 -18.45 9.72 -6.41
CA THR B 283 -18.05 8.69 -5.47
C THR B 283 -17.62 9.19 -4.09
N GLU B 284 -17.35 10.48 -3.93
CA GLU B 284 -16.97 10.96 -2.61
C GLU B 284 -17.10 12.46 -2.54
N VAL B 285 -17.51 12.98 -1.37
CA VAL B 285 -17.32 14.38 -1.08
C VAL B 285 -16.43 14.48 0.16
N SER B 286 -15.65 15.56 0.23
CA SER B 286 -14.74 15.81 1.36
C SER B 286 -14.86 17.30 1.69
N CYS B 287 -15.76 17.61 2.62
CA CYS B 287 -15.99 19.00 2.96
C CYS B 287 -14.78 19.60 3.66
N LYS B 288 -14.49 20.86 3.36
CA LYS B 288 -13.38 21.58 3.98
C LYS B 288 -13.95 22.72 4.81
N PHE B 289 -13.36 22.96 5.97
CA PHE B 289 -13.99 23.79 6.99
C PHE B 289 -13.30 25.12 7.21
N ARG B 290 -14.04 26.03 7.76
CA ARG B 290 -13.53 27.31 8.26
C ARG B 290 -13.56 27.32 9.79
N PRO B 291 -12.49 27.79 10.43
CA PRO B 291 -12.40 27.63 11.91
C PRO B 291 -13.62 28.10 12.66
N GLU B 292 -14.16 29.28 12.30
CA GLU B 292 -15.30 29.83 13.01
C GLU B 292 -16.54 28.95 12.85
N ASN B 293 -16.69 28.30 11.70
CA ASN B 293 -17.84 27.42 11.46
C ASN B 293 -17.73 26.13 12.25
N VAL B 294 -16.52 25.63 12.52
CA VAL B 294 -16.37 24.44 13.34
C VAL B 294 -16.91 24.71 14.73
N VAL B 295 -16.56 25.86 15.31
CA VAL B 295 -17.08 26.20 16.62
C VAL B 295 -18.61 26.20 16.59
N ALA B 296 -19.20 26.80 15.57
CA ALA B 296 -20.65 26.91 15.46
C ALA B 296 -21.32 25.55 15.28
N GLU B 297 -20.77 24.69 14.42
CA GLU B 297 -21.36 23.37 14.22
C GLU B 297 -21.31 22.55 15.52
N LEU B 298 -20.23 22.66 16.27
CA LEU B 298 -20.15 21.98 17.55
C LEU B 298 -21.18 22.54 18.52
N ALA B 299 -21.34 23.86 18.56
CA ALA B 299 -22.29 24.44 19.51
C ALA B 299 -23.72 24.04 19.16
N GLU B 300 -24.06 24.00 17.87
CA GLU B 300 -25.39 23.58 17.45
C GLU B 300 -25.68 22.15 17.89
N ALA B 301 -24.65 21.32 18.01
CA ALA B 301 -24.83 19.95 18.45
C ALA B 301 -24.85 19.80 19.96
N GLY B 302 -24.60 20.87 20.70
CA GLY B 302 -24.54 20.82 22.14
C GLY B 302 -23.16 20.66 22.74
N LEU B 303 -22.11 20.99 22.00
CA LEU B 303 -20.75 20.86 22.49
C LEU B 303 -20.03 22.20 22.43
N ARG B 304 -19.33 22.54 23.51
CA ARG B 304 -18.58 23.78 23.63
C ARG B 304 -17.11 23.50 23.32
N GLN B 305 -16.57 24.14 22.30
CA GLN B 305 -15.16 23.99 21.97
C GLN B 305 -14.32 24.65 23.07
N THR B 306 -13.42 23.87 23.68
CA THR B 306 -12.52 24.38 24.70
C THR B 306 -11.11 24.56 24.18
N HIS B 307 -10.74 23.86 23.12
CA HIS B 307 -9.41 23.98 22.55
C HIS B 307 -9.46 23.82 21.05
N TRP B 308 -8.58 24.57 20.39
CA TRP B 308 -8.41 24.55 18.94
C TRP B 308 -6.91 24.60 18.67
N TRP B 309 -6.41 23.64 17.91
CA TRP B 309 -5.00 23.62 17.52
C TRP B 309 -4.89 23.40 16.01
N THR B 310 -4.10 24.25 15.34
CA THR B 310 -3.72 23.97 13.96
C THR B 310 -2.23 23.67 13.90
N ASP B 311 -1.81 23.17 12.75
CA ASP B 311 -0.40 23.14 12.42
C ASP B 311 0.12 24.54 12.13
N PRO B 312 1.43 24.71 12.00
CA PRO B 312 1.99 26.06 11.77
C PRO B 312 1.51 26.73 10.49
N ALA B 313 1.06 25.98 9.50
CA ALA B 313 0.59 26.57 8.27
C ALA B 313 -0.90 26.87 8.29
N GLY B 314 -1.63 26.44 9.32
CA GLY B 314 -3.07 26.58 9.32
C GLY B 314 -3.75 25.71 8.29
N ASP B 315 -3.17 24.55 7.99
CA ASP B 315 -3.73 23.65 7.00
C ASP B 315 -4.85 22.77 7.55
N PHE B 316 -4.79 22.44 8.83
CA PHE B 316 -5.63 21.40 9.43
C PHE B 316 -5.89 21.79 10.88
N GLY B 317 -7.08 21.48 11.38
CA GLY B 317 -7.44 21.83 12.74
C GLY B 317 -7.96 20.66 13.56
N LEU B 318 -7.59 20.67 14.86
CA LEU B 318 -8.14 19.73 15.84
C LEU B 318 -8.91 20.53 16.86
N SER B 319 -10.15 20.14 17.11
N SER B 319 -10.13 20.10 17.15
CA SER B 319 -11.00 20.71 18.14
CA SER B 319 -11.00 20.71 18.14
C SER B 319 -11.11 19.75 19.31
C SER B 319 -11.18 19.77 19.30
N LEU B 320 -11.09 20.29 20.53
CA LEU B 320 -11.53 19.57 21.72
C LEU B 320 -12.79 20.27 22.21
N ALA B 321 -13.86 19.51 22.41
CA ALA B 321 -15.13 20.11 22.80
C ALA B 321 -15.77 19.30 23.91
N VAL B 322 -16.49 19.99 24.78
CA VAL B 322 -17.01 19.29 25.96
C VAL B 322 -18.51 19.37 26.01
N ARG B 323 -19.06 18.38 26.67
CA ARG B 323 -20.46 18.22 26.95
C ARG B 323 -20.77 18.99 28.23
CAA AVJ C . 10.14 -8.48 -10.88
CAB AVJ C . 9.41 -8.42 -8.65
CAC AVJ C . 9.54 -10.47 -9.76
OAH AVJ C . 6.48 -10.72 -11.23
OAL AVJ C . 7.99 -9.94 -12.60
CAM AVJ C . 4.85 -7.72 -10.61
CAP AVJ C . 7.47 -7.50 -10.83
NAR AVJ C . 5.62 -6.63 -12.41
NAT AVJ C . 3.75 -7.30 -11.34
CAX AVJ C . 7.38 -9.89 -11.47
CAY AVJ C . 6.00 -7.30 -11.26
CAZ AVJ C . 4.23 -6.64 -12.44
CBC AVJ C . 7.80 -8.94 -10.38
NBE AVJ C . 9.21 -9.09 -9.95
HAA AVJ C . 11.06 -8.67 -10.58
HAAA AVJ C . 10.00 -7.51 -10.90
HAAB AVJ C . 10.00 -8.85 -11.78
HAB AVJ C . 8.98 -7.53 -8.66
HABA AVJ C . 10.37 -8.31 -8.48
HABB AVJ C . 9.02 -8.97 -7.93
HAC AVJ C . 9.06 -10.82 -8.99
HACA AVJ C . 10.50 -10.55 -9.62
HACB AVJ C . 9.29 -10.98 -10.56
HAM AVJ C . 4.82 -8.22 -9.77
HAP AVJ C . 7.66 -6.90 -10.08
HAPA AVJ C . 8.05 -7.29 -11.58
HNAR AVJ C . 6.17 -6.25 -13.02
HAZ AVJ C . 3.68 -6.24 -13.14
HBC AVJ C . 7.29 -9.15 -9.57
MG MG D . 15.48 22.62 -23.81
C1 GOL E . 14.73 7.60 -9.89
O1 GOL E . 13.51 7.65 -9.17
C2 GOL E . 15.57 8.85 -9.47
O2 GOL E . 15.64 8.96 -8.09
C3 GOL E . 16.97 8.67 -10.07
O3 GOL E . 17.69 9.90 -9.92
H11 GOL E . 15.24 6.80 -9.70
H12 GOL E . 14.60 7.61 -10.84
HO1 GOL E . 13.06 6.97 -9.39
H2 GOL E . 15.16 9.65 -9.82
HO2 GOL E . 16.01 8.25 -7.79
H31 GOL E . 17.41 7.91 -9.63
H32 GOL E . 16.88 8.39 -11.00
HO3 GOL E . 17.16 10.44 -9.54
C1 GOL F . -7.41 -1.97 -14.72
O1 GOL F . -8.32 -2.91 -15.16
C2 GOL F . -7.50 -0.75 -15.68
O2 GOL F . -6.50 -0.80 -16.63
C3 GOL F . -7.44 0.49 -14.74
O3 GOL F . -7.22 1.62 -15.60
H11 GOL F . -6.50 -2.30 -14.72
H12 GOL F . -7.60 -1.67 -13.82
HO1 GOL F . -8.19 -3.60 -14.68
H2 GOL F . -8.33 -0.74 -16.18
HO2 GOL F . -6.58 -0.13 -17.14
H31 GOL F . -8.26 0.55 -14.24
H32 GOL F . -6.74 0.36 -14.09
HO3 GOL F . -6.60 1.40 -16.13
C1 GOL G . 26.97 -6.36 12.99
O1 GOL G . 25.63 -6.15 13.24
C2 GOL G . 27.56 -5.02 12.50
O2 GOL G . 28.30 -5.19 11.35
C3 GOL G . 28.39 -4.51 13.71
O3 GOL G . 29.57 -5.26 13.78
H11 GOL G . 27.46 -6.66 13.77
H12 GOL G . 27.13 -7.04 12.30
HO1 GOL G . 25.58 -5.80 14.01
H2 GOL G . 26.88 -4.38 12.27
HO2 GOL G . 29.04 -5.56 11.56
H31 GOL G . 28.53 -3.56 13.61
H32 GOL G . 27.84 -4.60 14.51
HO3 GOL G . 29.99 -5.12 13.06
CAA AVJ H . -12.20 10.27 4.41
CAB AVJ H . -10.51 11.56 5.50
CAC AVJ H . -10.19 9.27 5.08
OAH AVJ H . -11.62 12.59 2.61
OAL AVJ H . -9.47 13.02 2.74
CAM AVJ H . -8.43 10.41 0.60
CAP AVJ H . -10.47 9.86 2.15
NAR AVJ H . -10.42 10.21 -0.39
NAT AVJ H . -8.26 10.62 -0.78
CAX AVJ H . -10.43 12.21 2.84
CAY AVJ H . -9.78 10.17 0.82
CAZ AVJ H . -9.49 10.49 -1.37
CBC AVJ H . -10.11 10.81 3.28
NBE AVJ H . -10.77 10.48 4.54
HAA AVJ H . -12.37 9.50 3.83
HAAA AVJ H . -12.60 11.08 4.01
HAAB AVJ H . -12.59 10.12 5.29
HAB AVJ H . -10.66 11.22 6.42
HABA AVJ H . -11.13 12.29 5.32
HABB AVJ H . -9.59 11.87 5.41
HAC AVJ H . -9.21 9.30 5.00
HACA AVJ H . -10.52 8.49 4.57
HACB AVJ H . -10.43 9.17 6.01
HAM AVJ H . -7.72 10.43 1.27
HAP AVJ H . -10.24 8.95 2.43
HAPA AVJ H . -11.45 9.91 2.01
HNAR AVJ H . -11.32 10.09 -0.53
HAZ AVJ H . -9.68 10.58 -2.33
HBC AVJ H . -9.15 10.73 3.45
C1 GOL I . -4.25 7.62 -13.89
O1 GOL I . -5.26 6.96 -14.61
C2 GOL I . -4.53 9.15 -14.02
O2 GOL I . -5.83 9.49 -13.68
C3 GOL I . -3.47 9.80 -13.10
O3 GOL I . -3.88 11.11 -12.85
H11 GOL I . -4.23 7.38 -12.95
H12 GOL I . -3.36 7.43 -14.23
HO1 GOL I . -5.06 6.13 -14.61
H2 GOL I . -4.43 9.44 -14.94
HO2 GOL I . -5.94 9.30 -12.86
H31 GOL I . -3.40 9.27 -12.29
H32 GOL I . -2.60 9.74 -13.52
HO3 GOL I . -4.65 11.07 -12.49
C1 GOL J . -0.54 7.74 10.79
O1 GOL J . -1.59 7.48 11.69
C2 GOL J . 0.42 8.71 11.48
O2 GOL J . 0.40 9.93 10.84
C3 GOL J . 1.84 8.11 11.45
O3 GOL J . 2.49 8.49 12.65
H11 GOL J . -0.05 6.94 10.53
H12 GOL J . -0.85 8.14 9.96
HO1 GOL J . -2.19 7.06 11.26
H2 GOL J . 0.14 8.83 12.41
HO2 GOL J . 1.08 10.37 11.10
H31 GOL J . 1.76 7.16 11.33
H32 GOL J . 2.29 8.43 10.65
HO3 GOL J . 3.03 7.86 12.83
C1 GOL K . -17.85 -4.96 0.48
O1 GOL K . -16.49 -5.07 0.19
C2 GOL K . -18.32 -6.37 0.92
O2 GOL K . -17.57 -6.85 1.98
C3 GOL K . -19.81 -6.22 1.31
O3 GOL K . -20.29 -7.52 1.56
H11 GOL K . -18.03 -4.32 1.19
H12 GOL K . -18.37 -4.67 -0.28
HO1 GOL K . -16.24 -4.30 -0.09
H2 GOL K . -18.22 -7.00 0.19
HO2 GOL K . -17.67 -6.33 2.64
H31 GOL K . -19.88 -5.62 2.08
H32 GOL K . -20.27 -5.76 0.59
HO3 GOL K . -20.05 -7.99 0.90
#